data_5F8E
#
_entry.id   5F8E
#
_cell.length_a   110.012
_cell.length_b   140.444
_cell.length_c   96.993
_cell.angle_alpha   90.000
_cell.angle_beta   98.310
_cell.angle_gamma   90.000
#
_symmetry.space_group_name_H-M   'C 1 2 1'
#
loop_
_entity.id
_entity.type
_entity.pdbx_description
1 polymer Methyltransferase
2 non-polymer S-ADENOSYL-L-HOMOCYSTEINE
3 water water
#
_entity_poly.entity_id   1
_entity_poly.type   'polypeptide(L)'
_entity_poly.pdbx_seq_one_letter_code
;MGSSHHHHHHSSGLVPRGSHMETTEEFGNRFVAAIDSAGLAILVSVGHQTGLLDTMAGLPPATSMEIAEAAGLEERYVRE
WLGGMTTGQIVEYDAGSSTYSLPAHRAGMLTRAAGPDNLAVIAQFVSLLGEVEQKVIRCFREGGGVPYSEYPRFHKLMAE
MSGMVFDAALIDVVLPLVDGLPDRLRSGADVADFGCGSGRAVKLMAQAFGASRFTGIDFSDEAVAAGTEEAARLGLANAT
FERHDLAELDKVGAYDVITVFDAIHDQAQPARVLQNIYRALRPGGVLLMVDIKASSQLEDNVGVPLSTYLYTTSLMH
(CSD)MTVSLALDGAGLGTVWGRQLATSMLADAGFTDVTVAEIESDVLNNYYIARKLEHHHHHH
;
_entity_poly.pdbx_strand_id   A,B,C
#
# COMPACT_ATOMS: atom_id res chain seq x y z
N MET A 21 -40.07 -5.85 -19.05
CA MET A 21 -39.58 -4.58 -18.43
C MET A 21 -38.73 -4.86 -17.20
N GLU A 22 -37.51 -4.32 -17.18
CA GLU A 22 -36.57 -4.47 -16.08
C GLU A 22 -36.92 -3.57 -14.94
N THR A 23 -36.84 -4.11 -13.74
CA THR A 23 -37.16 -3.31 -12.57
C THR A 23 -35.93 -2.89 -11.79
N THR A 24 -36.04 -1.75 -11.16
CA THR A 24 -34.93 -1.16 -10.49
C THR A 24 -34.37 -2.11 -9.50
N GLU A 25 -35.23 -2.88 -8.87
CA GLU A 25 -34.73 -3.85 -7.92
C GLU A 25 -33.92 -4.83 -8.72
N GLU A 26 -34.40 -5.13 -9.89
CA GLU A 26 -33.74 -6.02 -10.80
C GLU A 26 -32.42 -5.52 -11.34
N PHE A 27 -32.32 -4.22 -11.61
CA PHE A 27 -31.10 -3.68 -12.16
C PHE A 27 -30.01 -3.74 -11.13
N GLY A 28 -30.32 -3.23 -9.97
CA GLY A 28 -29.43 -3.31 -8.83
C GLY A 28 -28.76 -4.68 -8.74
N ASN A 29 -29.55 -5.74 -8.82
CA ASN A 29 -29.02 -7.12 -8.76
C ASN A 29 -28.10 -7.50 -9.90
N ARG A 30 -28.47 -7.06 -11.11
CA ARG A 30 -27.67 -7.32 -12.30
C ARG A 30 -26.34 -6.61 -12.15
N PHE A 31 -26.38 -5.35 -11.75
CA PHE A 31 -25.17 -4.56 -11.62
C PHE A 31 -24.27 -4.97 -10.44
N VAL A 32 -24.85 -5.56 -9.43
CA VAL A 32 -24.08 -6.07 -8.35
C VAL A 32 -23.37 -7.30 -8.82
N ALA A 33 -24.03 -8.04 -9.66
CA ALA A 33 -23.47 -9.24 -10.19
C ALA A 33 -22.34 -8.87 -11.08
N ALA A 34 -22.46 -7.72 -11.73
CA ALA A 34 -21.45 -7.17 -12.60
C ALA A 34 -20.23 -6.85 -11.80
N ILE A 35 -20.48 -6.29 -10.63
CA ILE A 35 -19.45 -5.92 -9.72
C ILE A 35 -18.71 -7.16 -9.30
N ASP A 36 -19.43 -8.22 -9.04
CA ASP A 36 -18.82 -9.47 -8.63
C ASP A 36 -17.95 -9.99 -9.72
N SER A 37 -18.45 -9.87 -10.94
CA SER A 37 -17.86 -10.34 -12.17
C SER A 37 -16.55 -9.74 -12.53
N ALA A 38 -16.39 -8.45 -12.27
CA ALA A 38 -15.15 -7.77 -12.51
C ALA A 38 -14.08 -8.33 -11.61
N GLY A 39 -14.43 -8.56 -10.38
CA GLY A 39 -13.50 -9.15 -9.45
C GLY A 39 -13.13 -10.52 -9.92
N LEU A 40 -14.09 -11.31 -10.34
CA LEU A 40 -13.84 -12.66 -10.84
C LEU A 40 -12.84 -12.68 -11.99
N ALA A 41 -12.94 -11.67 -12.87
CA ALA A 41 -11.99 -11.46 -13.98
C ALA A 41 -10.56 -11.29 -13.46
N ILE A 42 -10.41 -10.36 -12.55
CA ILE A 42 -9.11 -10.04 -11.99
C ILE A 42 -8.52 -11.27 -11.34
N LEU A 43 -9.33 -12.04 -10.67
CA LEU A 43 -8.83 -13.25 -10.03
C LEU A 43 -8.29 -14.22 -11.04
N VAL A 44 -8.99 -14.37 -12.15
CA VAL A 44 -8.56 -15.24 -13.22
C VAL A 44 -7.34 -14.65 -13.83
N SER A 45 -7.35 -13.33 -14.02
CA SER A 45 -6.22 -12.65 -14.64
C SER A 45 -5.00 -12.94 -13.80
N VAL A 46 -5.18 -12.90 -12.48
CA VAL A 46 -4.12 -13.21 -11.58
C VAL A 46 -3.78 -14.68 -11.64
N GLY A 47 -4.77 -15.54 -11.69
CA GLY A 47 -4.55 -16.96 -11.71
C GLY A 47 -3.75 -17.42 -12.87
N HIS A 48 -3.99 -16.82 -14.00
CA HIS A 48 -3.22 -17.14 -15.16
C HIS A 48 -1.79 -16.65 -15.02
N GLN A 49 -1.59 -15.42 -14.64
CA GLN A 49 -0.26 -14.87 -14.50
C GLN A 49 0.58 -15.60 -13.50
N THR A 50 -0.06 -16.02 -12.44
CA THR A 50 0.59 -16.76 -11.40
C THR A 50 0.91 -18.14 -11.84
N GLY A 51 0.14 -18.68 -12.74
CA GLY A 51 0.34 -20.04 -13.18
C GLY A 51 -0.49 -20.97 -12.35
N LEU A 52 -1.40 -20.41 -11.58
CA LEU A 52 -2.29 -21.16 -10.73
C LEU A 52 -3.32 -21.97 -11.45
N LEU A 53 -3.92 -21.38 -12.47
CA LEU A 53 -4.92 -22.06 -13.23
C LEU A 53 -4.26 -23.21 -13.94
N ASP A 54 -3.06 -23.00 -14.42
CA ASP A 54 -2.35 -24.05 -15.08
C ASP A 54 -2.11 -25.16 -14.09
N THR A 55 -1.72 -24.79 -12.89
CA THR A 55 -1.40 -25.76 -11.88
C THR A 55 -2.52 -26.66 -11.44
N MET A 56 -3.68 -26.10 -11.22
CA MET A 56 -4.81 -26.88 -10.76
C MET A 56 -5.28 -27.88 -11.78
N ALA A 57 -5.11 -27.58 -13.05
CA ALA A 57 -5.55 -28.47 -14.10
C ALA A 57 -4.81 -29.76 -14.02
N GLY A 58 -3.64 -29.70 -13.44
CA GLY A 58 -2.79 -30.85 -13.32
C GLY A 58 -2.89 -31.51 -11.98
N LEU A 59 -3.92 -31.21 -11.22
CA LEU A 59 -4.05 -31.80 -9.90
C LEU A 59 -5.37 -32.50 -9.63
N PRO A 60 -5.34 -33.32 -8.60
CA PRO A 60 -6.53 -34.00 -8.08
C PRO A 60 -7.13 -33.13 -7.00
N PRO A 61 -8.32 -33.39 -6.46
CA PRO A 61 -8.77 -32.43 -5.44
C PRO A 61 -7.68 -32.26 -4.38
N ALA A 62 -7.35 -31.00 -4.06
CA ALA A 62 -6.34 -30.71 -3.07
C ALA A 62 -6.63 -29.51 -2.21
N THR A 63 -5.84 -29.35 -1.18
CA THR A 63 -5.99 -28.27 -0.24
C THR A 63 -5.19 -27.01 -0.55
N SER A 64 -5.67 -25.90 -0.04
CA SER A 64 -5.00 -24.61 -0.27
C SER A 64 -3.49 -24.70 -0.08
N MET A 65 -3.09 -25.49 0.92
CA MET A 65 -1.68 -25.74 1.20
C MET A 65 -1.03 -26.54 0.07
N GLU A 66 -1.65 -27.66 -0.29
CA GLU A 66 -1.13 -28.51 -1.36
C GLU A 66 -0.99 -27.75 -2.66
N ILE A 67 -2.00 -26.94 -2.98
CA ILE A 67 -2.04 -26.20 -4.25
C ILE A 67 -0.94 -25.12 -4.29
N ALA A 68 -0.77 -24.39 -3.19
CA ALA A 68 0.29 -23.39 -3.08
C ALA A 68 1.69 -23.98 -3.19
N GLU A 69 1.90 -25.12 -2.53
CA GLU A 69 3.19 -25.85 -2.60
C GLU A 69 3.44 -26.40 -3.99
N ALA A 70 2.39 -26.96 -4.59
CA ALA A 70 2.42 -27.45 -5.97
C ALA A 70 2.80 -26.35 -6.97
N ALA A 71 2.31 -25.13 -6.74
CA ALA A 71 2.60 -23.98 -7.60
C ALA A 71 3.82 -23.18 -7.19
N GLY A 72 4.35 -23.41 -5.98
CA GLY A 72 5.52 -22.67 -5.50
C GLY A 72 5.16 -21.23 -5.13
N LEU A 73 4.01 -21.10 -4.48
CA LEU A 73 3.42 -19.81 -4.15
C LEU A 73 3.02 -19.78 -2.69
N GLU A 74 2.80 -18.56 -2.19
CA GLU A 74 2.43 -18.31 -0.80
C GLU A 74 0.99 -18.71 -0.52
N GLU A 75 0.82 -19.59 0.46
CA GLU A 75 -0.46 -20.25 0.71
C GLU A 75 -1.56 -19.26 1.04
N ARG A 76 -1.23 -18.26 1.84
CA ARG A 76 -2.21 -17.30 2.30
C ARG A 76 -2.82 -16.54 1.12
N TYR A 77 -1.97 -16.12 0.20
CA TYR A 77 -2.46 -15.49 -1.02
C TYR A 77 -3.33 -16.47 -1.81
N VAL A 78 -2.82 -17.69 -1.99
CA VAL A 78 -3.55 -18.76 -2.72
C VAL A 78 -4.93 -19.00 -2.13
N ARG A 79 -5.01 -18.96 -0.83
CA ARG A 79 -6.24 -19.10 -0.11
C ARG A 79 -7.23 -17.99 -0.42
N GLU A 80 -6.83 -16.74 -0.45
CA GLU A 80 -7.76 -15.67 -0.78
C GLU A 80 -8.17 -15.80 -2.21
N TRP A 81 -7.24 -16.16 -3.05
CA TRP A 81 -7.55 -16.33 -4.44
C TRP A 81 -8.54 -17.45 -4.60
N LEU A 82 -8.34 -18.55 -3.90
CA LEU A 82 -9.23 -19.68 -4.01
C LEU A 82 -10.62 -19.39 -3.59
N GLY A 83 -10.76 -18.57 -2.58
CA GLY A 83 -12.07 -18.25 -2.10
C GLY A 83 -12.89 -17.51 -3.08
N GLY A 84 -12.34 -16.52 -3.71
CA GLY A 84 -13.07 -15.79 -4.71
C GLY A 84 -13.38 -16.70 -5.86
N MET A 85 -12.42 -17.51 -6.22
CA MET A 85 -12.58 -18.43 -7.32
C MET A 85 -13.70 -19.38 -7.02
N THR A 86 -13.84 -19.75 -5.77
CA THR A 86 -14.94 -20.61 -5.38
C THR A 86 -16.29 -19.90 -5.44
N THR A 87 -16.39 -18.70 -4.92
CA THR A 87 -17.64 -17.95 -4.96
C THR A 87 -18.04 -17.57 -6.35
N GLY A 88 -17.07 -17.29 -7.18
CA GLY A 88 -17.31 -16.92 -8.55
C GLY A 88 -17.80 -18.09 -9.34
N GLN A 89 -17.67 -19.26 -8.76
CA GLN A 89 -18.11 -20.53 -9.29
C GLN A 89 -17.17 -21.19 -10.23
N ILE A 90 -16.02 -20.62 -10.46
CA ILE A 90 -15.07 -21.24 -11.34
C ILE A 90 -14.46 -22.48 -10.74
N VAL A 91 -14.04 -22.38 -9.50
CA VAL A 91 -13.41 -23.45 -8.74
C VAL A 91 -14.42 -24.07 -7.82
N GLU A 92 -14.39 -25.39 -7.71
CA GLU A 92 -15.36 -26.11 -6.88
C GLU A 92 -14.69 -26.44 -5.54
N TYR A 93 -15.51 -26.54 -4.47
CA TYR A 93 -15.01 -26.68 -3.10
C TYR A 93 -15.78 -27.71 -2.25
N ASP A 94 -15.11 -28.78 -1.83
CA ASP A 94 -15.68 -29.70 -0.85
C ASP A 94 -15.27 -29.24 0.54
N ALA A 95 -16.18 -28.53 1.21
CA ALA A 95 -15.97 -28.05 2.57
C ALA A 95 -15.71 -29.19 3.55
N GLY A 96 -16.37 -30.33 3.33
CA GLY A 96 -16.18 -31.55 4.14
C GLY A 96 -14.73 -31.99 4.28
N SER A 97 -13.98 -31.98 3.19
CA SER A 97 -12.57 -32.38 3.21
C SER A 97 -11.56 -31.21 3.00
N SER A 98 -12.04 -29.97 2.97
CA SER A 98 -11.19 -28.78 2.75
C SER A 98 -10.33 -28.86 1.48
N THR A 99 -10.97 -29.28 0.38
CA THR A 99 -10.31 -29.45 -0.92
C THR A 99 -10.99 -28.66 -2.03
N TYR A 100 -10.24 -28.35 -3.07
CA TYR A 100 -10.73 -27.63 -4.22
C TYR A 100 -10.37 -28.39 -5.50
N SER A 101 -11.17 -28.18 -6.53
CA SER A 101 -10.92 -28.74 -7.86
C SER A 101 -11.25 -27.72 -8.94
N LEU A 102 -10.52 -27.80 -10.07
CA LEU A 102 -10.86 -27.05 -11.28
C LEU A 102 -11.41 -28.05 -12.33
N PRO A 103 -12.76 -28.11 -12.49
CA PRO A 103 -13.40 -29.02 -13.44
C PRO A 103 -12.82 -28.98 -14.84
N ALA A 104 -12.67 -30.15 -15.45
CA ALA A 104 -11.94 -30.29 -16.71
C ALA A 104 -12.57 -29.44 -17.78
N HIS A 105 -13.91 -29.37 -17.75
CA HIS A 105 -14.63 -28.56 -18.73
C HIS A 105 -14.23 -27.09 -18.66
N ARG A 106 -13.92 -26.61 -17.46
CA ARG A 106 -13.46 -25.24 -17.25
C ARG A 106 -11.95 -25.09 -17.40
N ALA A 107 -11.22 -26.10 -16.99
CA ALA A 107 -9.78 -26.05 -17.08
C ALA A 107 -9.40 -25.83 -18.51
N GLY A 108 -10.20 -26.38 -19.39
CA GLY A 108 -9.93 -26.30 -20.80
C GLY A 108 -9.83 -24.92 -21.36
N MET A 109 -10.67 -24.01 -20.90
CA MET A 109 -10.65 -22.66 -21.44
C MET A 109 -9.84 -21.63 -20.69
N LEU A 110 -9.10 -22.03 -19.68
CA LEU A 110 -8.36 -21.09 -18.83
C LEU A 110 -6.89 -21.45 -18.68
N THR A 111 -6.47 -22.53 -19.34
CA THR A 111 -5.17 -23.11 -19.12
C THR A 111 -4.32 -22.75 -20.32
N ARG A 112 -3.02 -22.70 -20.12
CA ARG A 112 -2.12 -22.35 -21.18
C ARG A 112 -2.10 -23.43 -22.22
N ALA A 113 -2.59 -24.60 -21.86
CA ALA A 113 -2.64 -25.77 -22.72
C ALA A 113 -3.58 -25.58 -23.87
N ALA A 114 -4.38 -24.54 -23.79
CA ALA A 114 -5.32 -24.21 -24.83
C ALA A 114 -4.64 -23.27 -25.77
N GLY A 115 -3.41 -22.95 -25.50
CA GLY A 115 -2.74 -22.08 -26.44
C GLY A 115 -3.57 -20.85 -26.66
N PRO A 116 -3.99 -20.64 -27.89
CA PRO A 116 -4.81 -19.50 -28.28
C PRO A 116 -6.19 -19.52 -27.69
N ASP A 117 -6.72 -20.69 -27.40
CA ASP A 117 -8.06 -20.78 -26.84
C ASP A 117 -8.19 -20.30 -25.39
N ASN A 118 -7.07 -20.07 -24.71
CA ASN A 118 -7.17 -19.72 -23.32
C ASN A 118 -7.83 -18.41 -23.17
N LEU A 119 -8.96 -18.43 -22.51
CA LEU A 119 -9.72 -17.25 -22.22
C LEU A 119 -9.11 -16.39 -21.17
N ALA A 120 -8.47 -17.06 -20.24
CA ALA A 120 -7.86 -16.40 -19.10
C ALA A 120 -6.95 -15.23 -19.52
N VAL A 121 -6.28 -15.38 -20.66
CA VAL A 121 -5.39 -14.35 -21.18
C VAL A 121 -6.08 -12.99 -21.26
N ILE A 122 -7.28 -12.97 -21.84
CA ILE A 122 -8.01 -11.71 -22.07
C ILE A 122 -8.46 -10.99 -20.76
N ALA A 123 -8.63 -11.75 -19.68
CA ALA A 123 -8.96 -11.20 -18.37
C ALA A 123 -7.93 -10.16 -17.88
N GLN A 124 -6.67 -10.37 -18.23
CA GLN A 124 -5.57 -9.49 -17.79
C GLN A 124 -5.81 -8.03 -18.15
N PHE A 125 -6.63 -7.81 -19.16
CA PHE A 125 -6.93 -6.48 -19.64
C PHE A 125 -7.79 -5.63 -18.70
N VAL A 126 -8.43 -6.24 -17.71
CA VAL A 126 -9.22 -5.46 -16.75
C VAL A 126 -8.28 -4.59 -15.90
N SER A 127 -7.20 -5.17 -15.41
CA SER A 127 -6.23 -4.40 -14.64
C SER A 127 -5.51 -3.38 -15.49
N LEU A 128 -5.21 -3.74 -16.72
CA LEU A 128 -4.47 -2.88 -17.66
C LEU A 128 -5.25 -1.63 -18.03
N LEU A 129 -6.54 -1.80 -18.21
CA LEU A 129 -7.44 -0.67 -18.40
C LEU A 129 -7.62 0.06 -17.08
N GLY A 130 -7.68 -0.69 -15.99
CA GLY A 130 -7.68 -0.12 -14.64
C GLY A 130 -6.55 0.85 -14.43
N GLU A 131 -5.35 0.45 -14.78
CA GLU A 131 -4.21 1.30 -14.56
C GLU A 131 -4.26 2.67 -15.25
N VAL A 132 -5.10 2.86 -16.25
CA VAL A 132 -5.20 4.15 -16.92
C VAL A 132 -6.48 4.93 -16.74
N GLU A 133 -7.36 4.49 -15.87
CA GLU A 133 -8.64 5.14 -15.73
C GLU A 133 -8.56 6.58 -15.35
N GLN A 134 -7.69 6.91 -14.44
CA GLN A 134 -7.54 8.28 -13.98
C GLN A 134 -7.06 9.26 -15.06
N LYS A 135 -6.08 8.84 -15.88
CA LYS A 135 -5.60 9.66 -17.00
C LYS A 135 -6.67 9.80 -18.08
N VAL A 136 -7.42 8.73 -18.30
CA VAL A 136 -8.45 8.72 -19.32
C VAL A 136 -9.54 9.70 -18.95
N ILE A 137 -9.93 9.71 -17.70
CA ILE A 137 -10.97 10.59 -17.19
C ILE A 137 -10.58 12.04 -17.32
N ARG A 138 -9.32 12.33 -17.19
CA ARG A 138 -8.83 13.66 -17.30
C ARG A 138 -9.02 14.17 -18.68
N CYS A 139 -8.94 13.26 -19.62
CA CYS A 139 -9.10 13.50 -21.04
C CYS A 139 -10.46 13.96 -21.40
N PHE A 140 -11.45 13.46 -20.71
CA PHE A 140 -12.82 13.94 -20.90
C PHE A 140 -12.87 15.46 -20.66
N ARG A 141 -12.20 15.88 -19.63
CA ARG A 141 -12.12 17.26 -19.28
C ARG A 141 -11.23 18.09 -20.15
N GLU A 142 -10.05 17.60 -20.45
CA GLU A 142 -9.11 18.39 -21.22
C GLU A 142 -8.74 18.05 -22.62
N GLY A 143 -9.33 17.02 -23.18
CA GLY A 143 -9.00 16.66 -24.53
C GLY A 143 -7.68 15.99 -24.58
N GLY A 144 -7.09 15.97 -25.74
CA GLY A 144 -5.85 15.23 -25.99
C GLY A 144 -6.07 13.73 -25.85
N GLY A 145 -5.05 13.02 -25.36
CA GLY A 145 -5.17 11.59 -25.11
C GLY A 145 -4.01 10.99 -24.33
N VAL A 146 -4.07 9.70 -24.07
CA VAL A 146 -3.00 9.04 -23.36
C VAL A 146 -2.01 8.48 -24.34
N PRO A 147 -0.75 8.86 -24.23
CA PRO A 147 0.31 8.43 -25.13
C PRO A 147 0.62 6.96 -25.15
N TYR A 148 0.98 6.51 -26.32
CA TYR A 148 1.25 5.13 -26.57
C TYR A 148 2.26 4.63 -25.56
N SER A 149 3.23 5.45 -25.23
CA SER A 149 4.30 5.11 -24.27
C SER A 149 3.83 4.64 -22.89
N GLU A 150 2.63 4.98 -22.51
CA GLU A 150 2.12 4.58 -21.23
C GLU A 150 1.51 3.23 -21.17
N TYR A 151 1.47 2.52 -22.29
CA TYR A 151 0.84 1.23 -22.41
C TYR A 151 1.73 0.06 -22.74
N PRO A 152 3.00 0.10 -22.20
CA PRO A 152 3.87 -1.00 -22.59
C PRO A 152 3.43 -2.38 -22.21
N ARG A 153 2.84 -2.55 -21.07
CA ARG A 153 2.48 -3.92 -20.69
C ARG A 153 1.37 -4.43 -21.61
N PHE A 154 0.47 -3.52 -22.00
CA PHE A 154 -0.65 -3.80 -22.92
C PHE A 154 -0.13 -4.29 -24.30
N HIS A 155 0.83 -3.58 -24.86
CA HIS A 155 1.33 -3.91 -26.19
C HIS A 155 1.97 -5.28 -26.20
N LYS A 156 2.98 -5.45 -25.37
CA LYS A 156 3.66 -6.73 -25.21
C LYS A 156 2.72 -7.93 -25.06
N LEU A 157 1.55 -7.72 -24.48
CA LEU A 157 0.61 -8.80 -24.27
C LEU A 157 -0.16 -9.17 -25.53
N MET A 158 -0.77 -8.17 -26.17
CA MET A 158 -1.40 -8.36 -27.47
C MET A 158 -0.51 -9.16 -28.42
N ALA A 159 0.72 -8.68 -28.59
CA ALA A 159 1.72 -9.27 -29.51
C ALA A 159 2.07 -10.73 -29.17
N GLU A 160 2.09 -11.03 -27.88
CA GLU A 160 2.33 -12.38 -27.41
C GLU A 160 1.17 -13.30 -27.79
N MET A 161 -0.09 -12.81 -27.69
CA MET A 161 -1.25 -13.64 -28.02
C MET A 161 -1.59 -13.69 -29.52
N SER A 162 -1.24 -12.64 -30.23
CA SER A 162 -1.43 -12.70 -31.65
C SER A 162 -0.46 -13.74 -32.12
N GLY A 163 0.73 -13.66 -31.59
CA GLY A 163 1.82 -14.49 -32.00
C GLY A 163 1.45 -15.92 -31.90
N MET A 164 0.69 -16.30 -30.92
CA MET A 164 0.27 -17.67 -30.83
C MET A 164 -0.70 -17.99 -31.94
N VAL A 165 -1.64 -17.10 -32.14
CA VAL A 165 -2.64 -17.27 -33.22
C VAL A 165 -1.98 -17.46 -34.61
N PHE A 166 -1.01 -16.60 -34.93
CA PHE A 166 -0.22 -16.76 -36.16
C PHE A 166 0.44 -18.14 -36.23
N ASP A 167 1.11 -18.52 -35.13
CA ASP A 167 1.68 -19.86 -34.96
C ASP A 167 0.62 -20.97 -35.17
N ALA A 168 -0.56 -20.71 -34.64
CA ALA A 168 -1.68 -21.60 -34.76
C ALA A 168 -2.36 -21.72 -36.09
N ALA A 169 -2.59 -20.61 -36.79
CA ALA A 169 -3.26 -20.69 -38.08
C ALA A 169 -2.94 -19.80 -39.26
N LEU A 170 -1.90 -18.98 -39.21
CA LEU A 170 -1.66 -18.10 -40.34
C LEU A 170 -1.39 -18.77 -41.66
N ILE A 171 -0.52 -19.75 -41.67
CA ILE A 171 -0.19 -20.45 -42.89
C ILE A 171 -1.22 -21.41 -43.44
N ASP A 172 -1.83 -22.17 -42.56
CA ASP A 172 -2.80 -23.16 -42.96
C ASP A 172 -4.24 -22.72 -42.99
N VAL A 173 -4.52 -21.55 -42.43
CA VAL A 173 -5.90 -21.06 -42.38
C VAL A 173 -6.16 -19.66 -42.94
N VAL A 174 -5.34 -18.72 -42.51
CA VAL A 174 -5.47 -17.36 -42.95
C VAL A 174 -5.07 -17.02 -44.37
N LEU A 175 -3.90 -17.46 -44.79
CA LEU A 175 -3.45 -17.18 -46.11
C LEU A 175 -4.29 -17.85 -47.18
N PRO A 176 -4.79 -19.04 -46.93
CA PRO A 176 -5.62 -19.75 -47.89
C PRO A 176 -6.93 -19.09 -48.20
N LEU A 177 -7.35 -18.13 -47.42
CA LEU A 177 -8.57 -17.42 -47.66
C LEU A 177 -8.52 -16.63 -48.95
N VAL A 178 -7.36 -16.06 -49.22
CA VAL A 178 -7.13 -15.29 -50.44
C VAL A 178 -6.86 -16.31 -51.53
N ASP A 179 -7.85 -16.50 -52.40
CA ASP A 179 -7.79 -17.53 -53.43
C ASP A 179 -6.55 -17.33 -54.30
N GLY A 180 -5.81 -18.39 -54.51
CA GLY A 180 -4.56 -18.33 -55.26
C GLY A 180 -3.35 -17.69 -54.57
N LEU A 181 -3.43 -17.41 -53.27
CA LEU A 181 -2.30 -16.81 -52.54
C LEU A 181 -1.20 -17.80 -52.17
N PRO A 182 -1.53 -18.96 -51.59
CA PRO A 182 -0.48 -19.98 -51.38
C PRO A 182 0.47 -20.25 -52.58
N ASP A 183 -0.09 -20.32 -53.78
CA ASP A 183 0.71 -20.51 -54.99
C ASP A 183 1.58 -19.31 -55.24
N ARG A 184 1.03 -18.10 -55.14
CA ARG A 184 1.80 -16.88 -55.43
C ARG A 184 3.05 -16.81 -54.57
N LEU A 185 2.89 -17.23 -53.33
CA LEU A 185 3.98 -17.21 -52.37
C LEU A 185 4.92 -18.41 -52.57
N ARG A 186 4.36 -19.53 -53.02
CA ARG A 186 5.15 -20.70 -53.33
C ARG A 186 6.08 -20.48 -54.50
N SER A 187 5.52 -19.88 -55.55
CA SER A 187 6.28 -19.54 -56.75
C SER A 187 7.30 -18.50 -56.32
N GLY A 188 6.86 -17.63 -55.43
CA GLY A 188 7.66 -16.54 -54.90
C GLY A 188 7.12 -15.19 -55.34
N ALA A 189 6.75 -14.37 -54.37
CA ALA A 189 6.21 -13.04 -54.62
C ALA A 189 6.72 -12.03 -53.60
N ASP A 190 6.71 -10.75 -53.98
CA ASP A 190 7.18 -9.70 -53.09
C ASP A 190 6.08 -9.27 -52.09
N VAL A 191 6.35 -9.54 -50.83
CA VAL A 191 5.40 -9.39 -49.73
C VAL A 191 5.91 -8.38 -48.70
N ALA A 192 4.97 -7.61 -48.14
CA ALA A 192 5.23 -6.70 -47.01
C ALA A 192 4.14 -6.81 -45.97
N ASP A 193 4.49 -6.64 -44.71
CA ASP A 193 3.52 -6.64 -43.66
C ASP A 193 3.64 -5.32 -42.95
N PHE A 194 2.59 -4.52 -42.96
CA PHE A 194 2.64 -3.23 -42.31
C PHE A 194 2.26 -3.35 -40.87
N GLY A 195 2.92 -2.60 -40.00
CA GLY A 195 2.66 -2.70 -38.59
C GLY A 195 3.02 -4.08 -38.14
N CYS A 196 4.17 -4.52 -38.59
CA CYS A 196 4.67 -5.82 -38.31
C CYS A 196 4.92 -6.07 -36.87
N GLY A 197 5.38 -5.04 -36.18
CA GLY A 197 5.62 -5.19 -34.77
C GLY A 197 6.68 -6.18 -34.39
N SER A 198 6.30 -7.16 -33.61
CA SER A 198 7.27 -8.16 -33.15
C SER A 198 7.91 -8.83 -34.33
N GLY A 199 7.11 -9.07 -35.36
CA GLY A 199 7.59 -9.71 -36.56
C GLY A 199 7.28 -11.19 -36.68
N ARG A 200 6.43 -11.73 -35.79
CA ARG A 200 6.13 -13.12 -35.84
C ARG A 200 5.55 -13.44 -37.19
N ALA A 201 4.66 -12.62 -37.66
CA ALA A 201 4.11 -12.88 -38.98
C ALA A 201 5.23 -13.11 -39.99
N VAL A 202 6.11 -12.15 -40.15
CA VAL A 202 7.12 -12.26 -41.16
C VAL A 202 7.92 -13.52 -41.07
N LYS A 203 8.22 -14.00 -39.88
CA LYS A 203 9.00 -15.21 -39.74
C LYS A 203 8.34 -16.45 -40.28
N LEU A 204 7.10 -16.64 -39.94
CA LEU A 204 6.40 -17.83 -40.33
C LEU A 204 6.21 -18.01 -41.80
N MET A 205 5.90 -16.91 -42.44
CA MET A 205 5.67 -16.88 -43.87
C MET A 205 6.99 -17.19 -44.56
N ALA A 206 8.03 -16.43 -44.22
CA ALA A 206 9.38 -16.63 -44.76
C ALA A 206 9.94 -18.04 -44.55
N GLN A 207 9.55 -18.69 -43.46
CA GLN A 207 9.84 -20.11 -43.27
C GLN A 207 9.10 -20.96 -44.30
N ALA A 208 7.79 -20.80 -44.34
CA ALA A 208 6.94 -21.65 -45.18
C ALA A 208 7.10 -21.40 -46.68
N PHE A 209 7.63 -20.21 -47.05
CA PHE A 209 7.75 -19.78 -48.44
C PHE A 209 9.12 -19.18 -48.72
N GLY A 210 10.10 -20.07 -48.95
CA GLY A 210 11.48 -19.69 -49.24
C GLY A 210 11.65 -18.93 -50.55
N ALA A 211 10.76 -19.18 -51.48
CA ALA A 211 10.74 -18.49 -52.74
C ALA A 211 10.39 -17.01 -52.68
N SER A 212 9.53 -16.63 -51.75
CA SER A 212 9.11 -15.26 -51.58
C SER A 212 10.02 -14.42 -50.73
N ARG A 213 9.93 -13.11 -50.91
CA ARG A 213 10.74 -12.14 -50.20
C ARG A 213 9.91 -11.26 -49.29
N PHE A 214 10.21 -11.24 -48.00
CA PHE A 214 9.44 -10.44 -47.07
C PHE A 214 10.10 -9.24 -46.45
N THR A 215 9.30 -8.21 -46.20
CA THR A 215 9.74 -6.99 -45.58
C THR A 215 8.78 -6.66 -44.46
N GLY A 216 9.26 -6.34 -43.27
CA GLY A 216 8.39 -6.00 -42.18
C GLY A 216 8.52 -4.53 -41.92
N ILE A 217 7.42 -3.81 -41.79
CA ILE A 217 7.54 -2.36 -41.58
C ILE A 217 6.86 -1.97 -40.29
N ASP A 218 7.53 -1.13 -39.54
CA ASP A 218 7.03 -0.64 -38.29
C ASP A 218 7.85 0.59 -37.98
N PHE A 219 7.35 1.46 -37.13
CA PHE A 219 8.13 2.64 -36.81
C PHE A 219 8.80 2.60 -35.45
N SER A 220 8.61 1.50 -34.74
CA SER A 220 9.24 1.34 -33.45
C SER A 220 10.56 0.70 -33.84
N ASP A 221 11.64 1.41 -33.58
CA ASP A 221 12.95 0.93 -33.91
C ASP A 221 13.22 -0.34 -33.15
N GLU A 222 12.74 -0.38 -31.91
CA GLU A 222 12.95 -1.49 -31.07
C GLU A 222 12.45 -2.75 -31.71
N ALA A 223 11.27 -2.66 -32.29
CA ALA A 223 10.68 -3.76 -33.03
C ALA A 223 11.46 -4.10 -34.28
N VAL A 224 11.89 -3.09 -35.00
CA VAL A 224 12.62 -3.31 -36.21
C VAL A 224 13.93 -3.98 -35.97
N ALA A 225 14.65 -3.49 -34.98
CA ALA A 225 15.93 -4.07 -34.68
C ALA A 225 15.71 -5.47 -34.21
N ALA A 226 14.75 -5.60 -33.33
CA ALA A 226 14.39 -6.90 -32.78
C ALA A 226 14.19 -7.94 -33.89
N GLY A 227 13.31 -7.63 -34.83
CA GLY A 227 13.04 -8.52 -35.95
C GLY A 227 14.29 -8.85 -36.72
N THR A 228 15.09 -7.85 -37.04
CA THR A 228 16.26 -8.11 -37.82
C THR A 228 17.11 -9.10 -37.09
N GLU A 229 17.24 -8.95 -35.79
CA GLU A 229 18.07 -9.89 -35.06
C GLU A 229 17.45 -11.26 -35.16
N GLU A 230 16.15 -11.34 -34.99
CA GLU A 230 15.49 -12.62 -35.08
C GLU A 230 15.61 -13.25 -36.45
N ALA A 231 15.57 -12.43 -37.47
CA ALA A 231 15.70 -12.95 -38.80
C ALA A 231 17.03 -13.57 -39.05
N ALA A 232 18.06 -12.83 -38.71
CA ALA A 232 19.41 -13.29 -38.91
C ALA A 232 19.68 -14.48 -38.07
N ARG A 233 19.19 -14.45 -36.85
CA ARG A 233 19.44 -15.56 -36.01
C ARG A 233 18.92 -16.82 -36.66
N LEU A 234 17.74 -16.76 -37.24
CA LEU A 234 17.17 -17.96 -37.85
C LEU A 234 17.71 -18.18 -39.25
N GLY A 235 18.58 -17.28 -39.68
CA GLY A 235 19.14 -17.35 -41.02
C GLY A 235 18.16 -17.24 -42.18
N LEU A 236 17.26 -16.28 -42.10
CA LEU A 236 16.31 -16.10 -43.16
C LEU A 236 16.72 -14.92 -43.99
N ALA A 237 17.21 -15.20 -45.17
CA ALA A 237 17.65 -14.19 -46.11
C ALA A 237 16.51 -13.36 -46.65
N ASN A 238 15.39 -14.04 -46.86
CA ASN A 238 14.15 -13.48 -47.39
C ASN A 238 13.50 -12.43 -46.48
N ALA A 239 13.63 -12.61 -45.15
CA ALA A 239 13.10 -11.62 -44.18
C ALA A 239 13.98 -10.34 -44.03
N THR A 240 13.31 -9.20 -43.86
CA THR A 240 13.88 -7.84 -43.91
C THR A 240 12.96 -6.97 -43.06
N PHE A 241 13.42 -5.85 -42.56
CA PHE A 241 12.59 -4.98 -41.76
C PHE A 241 12.98 -3.56 -41.95
N GLU A 242 12.06 -2.64 -41.78
CA GLU A 242 12.37 -1.24 -41.95
C GLU A 242 11.57 -0.33 -41.05
N ARG A 243 12.16 0.79 -40.70
CA ARG A 243 11.47 1.73 -39.86
C ARG A 243 10.94 2.81 -40.73
N HIS A 244 9.64 2.98 -40.70
CA HIS A 244 8.99 3.97 -41.48
C HIS A 244 7.81 4.34 -40.65
N ASP A 245 7.24 5.49 -40.98
CA ASP A 245 6.05 5.97 -40.36
C ASP A 245 5.15 5.54 -41.50
N LEU A 246 4.12 4.78 -41.18
CA LEU A 246 3.23 4.27 -42.21
C LEU A 246 2.59 5.41 -42.97
N ALA A 247 2.31 6.49 -42.26
CA ALA A 247 1.62 7.63 -42.86
C ALA A 247 2.49 8.42 -43.83
N GLU A 248 3.79 8.16 -43.85
CA GLU A 248 4.77 8.93 -44.63
C GLU A 248 5.49 8.13 -45.69
N LEU A 249 4.95 6.95 -46.06
CA LEU A 249 5.57 6.08 -47.06
C LEU A 249 5.52 6.68 -48.46
N ASP A 250 6.61 6.46 -49.19
CA ASP A 250 6.73 6.89 -50.59
C ASP A 250 6.81 5.67 -51.54
N LYS A 251 6.64 4.45 -51.01
CA LYS A 251 6.77 3.24 -51.82
C LYS A 251 5.68 3.10 -52.88
N VAL A 252 6.10 2.63 -54.08
CA VAL A 252 5.27 2.66 -55.29
C VAL A 252 5.42 1.34 -56.07
N GLY A 253 4.38 0.52 -56.09
CA GLY A 253 4.41 -0.73 -56.86
C GLY A 253 5.59 -1.62 -56.51
N ALA A 254 5.78 -1.78 -55.20
CA ALA A 254 6.84 -2.58 -54.64
C ALA A 254 6.35 -4.01 -54.36
N TYR A 255 5.10 -4.18 -53.90
CA TYR A 255 4.67 -5.49 -53.40
C TYR A 255 3.45 -6.10 -54.13
N ASP A 256 3.62 -7.38 -54.45
CA ASP A 256 2.54 -8.25 -54.89
C ASP A 256 1.51 -8.40 -53.76
N VAL A 257 1.97 -8.42 -52.53
CA VAL A 257 1.11 -8.78 -51.39
C VAL A 257 1.45 -7.84 -50.22
N ILE A 258 0.41 -7.36 -49.55
CA ILE A 258 0.52 -6.51 -48.36
C ILE A 258 -0.44 -7.08 -47.28
N THR A 259 0.05 -7.43 -46.11
CA THR A 259 -0.81 -7.95 -45.06
C THR A 259 -0.81 -7.00 -43.90
N VAL A 260 -1.96 -6.70 -43.32
CA VAL A 260 -2.01 -5.78 -42.20
C VAL A 260 -2.79 -6.42 -41.10
N PHE A 261 -2.22 -6.60 -39.94
CA PHE A 261 -2.98 -7.20 -38.87
C PHE A 261 -3.32 -6.31 -37.68
N ASP A 262 -4.59 -5.99 -37.56
CA ASP A 262 -5.12 -5.24 -36.45
C ASP A 262 -4.38 -3.98 -36.12
N ALA A 263 -3.87 -3.31 -37.11
CA ALA A 263 -3.08 -2.10 -36.92
C ALA A 263 -3.54 -0.88 -37.64
N ILE A 264 -4.81 -0.80 -37.95
CA ILE A 264 -5.28 0.34 -38.69
C ILE A 264 -6.08 1.28 -37.84
N HIS A 265 -6.94 0.72 -37.03
CA HIS A 265 -7.84 1.57 -36.24
C HIS A 265 -7.08 2.50 -35.28
N ASP A 266 -5.95 2.01 -34.75
CA ASP A 266 -5.10 2.77 -33.83
C ASP A 266 -4.32 3.94 -34.47
N GLN A 267 -4.36 4.07 -35.79
CA GLN A 267 -3.52 5.05 -36.48
C GLN A 267 -3.98 6.47 -36.19
N ALA A 268 -3.04 7.39 -36.35
CA ALA A 268 -3.34 8.81 -36.27
C ALA A 268 -4.00 9.25 -37.56
N GLN A 269 -3.49 8.72 -38.67
CA GLN A 269 -3.85 9.13 -40.02
C GLN A 269 -4.19 7.90 -40.84
N PRO A 270 -5.21 7.18 -40.49
CA PRO A 270 -5.56 5.94 -41.15
C PRO A 270 -5.89 6.03 -42.61
N ALA A 271 -6.53 7.10 -43.01
CA ALA A 271 -6.91 7.26 -44.37
C ALA A 271 -5.73 7.33 -45.24
N ARG A 272 -4.70 8.01 -44.79
CA ARG A 272 -3.45 8.14 -45.52
C ARG A 272 -2.75 6.84 -45.66
N VAL A 273 -2.75 6.08 -44.60
CA VAL A 273 -2.10 4.81 -44.57
C VAL A 273 -2.73 3.90 -45.56
N LEU A 274 -4.04 3.93 -45.68
CA LEU A 274 -4.72 3.11 -46.66
C LEU A 274 -4.39 3.56 -48.07
N GLN A 275 -4.30 4.86 -48.30
CA GLN A 275 -3.86 5.47 -49.57
C GLN A 275 -2.41 5.08 -49.92
N ASN A 276 -1.57 4.95 -48.89
CA ASN A 276 -0.19 4.47 -49.05
C ASN A 276 -0.11 2.97 -49.33
N ILE A 277 -1.04 2.19 -48.82
CA ILE A 277 -1.10 0.75 -49.15
C ILE A 277 -1.51 0.55 -50.62
N TYR A 278 -2.50 1.31 -51.08
CA TYR A 278 -2.88 1.25 -52.48
C TYR A 278 -1.66 1.52 -53.36
N ARG A 279 -0.92 2.58 -53.01
CA ARG A 279 0.21 3.02 -53.82
C ARG A 279 1.38 2.07 -53.82
N ALA A 280 1.69 1.48 -52.67
CA ALA A 280 2.78 0.51 -52.56
C ALA A 280 2.50 -0.80 -53.32
N LEU A 281 1.24 -1.20 -53.42
CA LEU A 281 0.88 -2.40 -54.18
C LEU A 281 1.21 -2.28 -55.66
N ARG A 282 1.61 -3.39 -56.25
CA ARG A 282 1.67 -3.51 -57.69
C ARG A 282 0.25 -3.65 -58.23
N PRO A 283 0.03 -3.21 -59.47
CA PRO A 283 -1.13 -3.67 -60.22
C PRO A 283 -1.25 -5.18 -60.21
N GLY A 284 -2.44 -5.71 -59.93
CA GLY A 284 -2.64 -7.14 -59.73
C GLY A 284 -2.32 -7.61 -58.32
N GLY A 285 -1.78 -6.70 -57.50
CA GLY A 285 -1.52 -6.97 -56.10
C GLY A 285 -2.77 -7.07 -55.23
N VAL A 286 -2.57 -7.62 -54.04
CA VAL A 286 -3.65 -7.90 -53.09
C VAL A 286 -3.26 -7.39 -51.69
N LEU A 287 -4.23 -6.80 -50.99
CA LEU A 287 -4.10 -6.41 -49.59
C LEU A 287 -4.99 -7.32 -48.75
N LEU A 288 -4.41 -7.94 -47.74
CA LEU A 288 -5.17 -8.64 -46.71
C LEU A 288 -5.04 -7.81 -45.44
N MET A 289 -6.14 -7.18 -45.04
CA MET A 289 -6.22 -6.39 -43.80
C MET A 289 -7.08 -7.08 -42.79
N VAL A 290 -6.52 -7.46 -41.67
CA VAL A 290 -7.25 -8.14 -40.63
C VAL A 290 -7.55 -7.12 -39.56
N ASP A 291 -8.80 -7.05 -39.14
CA ASP A 291 -9.21 -6.10 -38.17
C ASP A 291 -10.47 -6.62 -37.53
N ILE A 292 -10.91 -5.91 -36.52
CA ILE A 292 -12.03 -6.29 -35.69
C ILE A 292 -13.39 -6.44 -36.29
N LYS A 293 -14.05 -7.50 -35.90
CA LYS A 293 -15.40 -7.84 -36.34
C LYS A 293 -16.45 -7.08 -35.51
N ALA A 294 -16.96 -6.00 -36.10
CA ALA A 294 -17.99 -5.21 -35.48
C ALA A 294 -18.69 -4.40 -36.54
N SER A 295 -19.91 -3.99 -36.22
CA SER A 295 -20.66 -3.04 -37.02
C SER A 295 -20.23 -1.61 -36.65
N SER A 296 -20.27 -0.73 -37.64
CA SER A 296 -20.14 0.71 -37.41
C SER A 296 -21.43 1.36 -36.88
N GLN A 297 -22.52 0.59 -36.81
CA GLN A 297 -23.79 1.06 -36.29
C GLN A 297 -23.89 0.58 -34.88
N LEU A 298 -24.13 1.46 -33.96
CA LEU A 298 -24.16 1.08 -32.58
C LEU A 298 -25.18 0.03 -32.26
N GLU A 299 -26.32 0.11 -32.89
CA GLU A 299 -27.44 -0.75 -32.67
C GLU A 299 -27.14 -2.16 -32.94
N ASP A 300 -26.35 -2.39 -33.94
CA ASP A 300 -26.00 -3.70 -34.37
C ASP A 300 -25.15 -4.47 -33.42
N ASN A 301 -24.44 -3.78 -32.56
CA ASN A 301 -23.46 -4.37 -31.61
C ASN A 301 -24.06 -4.86 -30.24
N VAL A 302 -25.19 -4.29 -29.85
CA VAL A 302 -25.90 -4.68 -28.62
C VAL A 302 -26.44 -6.11 -28.70
N GLY A 303 -26.17 -6.90 -27.67
CA GLY A 303 -26.49 -8.34 -27.67
C GLY A 303 -25.41 -9.23 -28.26
N VAL A 304 -24.35 -8.65 -28.77
CA VAL A 304 -23.27 -9.40 -29.33
C VAL A 304 -22.15 -9.40 -28.34
N PRO A 305 -21.76 -10.57 -27.94
CA PRO A 305 -20.75 -10.68 -26.94
C PRO A 305 -19.52 -9.92 -27.22
N LEU A 306 -18.97 -9.34 -26.18
CA LEU A 306 -17.73 -8.60 -26.22
C LEU A 306 -17.85 -7.22 -26.77
N SER A 307 -19.05 -6.78 -27.03
CA SER A 307 -19.15 -5.49 -27.54
C SER A 307 -18.72 -4.54 -26.50
N THR A 308 -19.16 -4.74 -25.28
CA THR A 308 -18.85 -3.83 -24.21
C THR A 308 -17.36 -3.79 -23.91
N TYR A 309 -16.74 -4.93 -24.00
CA TYR A 309 -15.34 -5.03 -23.79
C TYR A 309 -14.59 -4.22 -24.81
N LEU A 310 -15.04 -4.28 -26.02
CA LEU A 310 -14.36 -3.60 -27.10
C LEU A 310 -14.59 -2.09 -27.03
N TYR A 311 -15.77 -1.64 -26.75
CA TYR A 311 -15.98 -0.22 -26.67
C TYR A 311 -15.11 0.36 -25.59
N THR A 312 -14.91 -0.42 -24.54
CA THR A 312 -14.05 -0.07 -23.40
C THR A 312 -12.54 0.03 -23.69
N THR A 313 -11.99 -0.92 -24.45
CA THR A 313 -10.60 -0.91 -24.76
C THR A 313 -10.43 0.23 -25.70
N SER A 314 -11.44 0.53 -26.49
CA SER A 314 -11.35 1.62 -27.42
C SER A 314 -11.29 2.95 -26.71
N LEU A 315 -12.20 3.21 -25.80
CA LEU A 315 -12.15 4.46 -25.10
C LEU A 315 -10.93 4.51 -24.27
N MET A 316 -10.70 3.44 -23.56
CA MET A 316 -9.56 3.32 -22.71
C MET A 316 -8.20 3.17 -23.37
N HIS A 317 -8.14 2.76 -24.61
CA HIS A 317 -6.86 2.63 -25.23
C HIS A 317 -6.78 3.02 -26.70
N MET A 319 -8.81 4.17 -28.82
CA MET A 319 -9.25 5.49 -29.24
C MET A 319 -8.39 6.65 -28.80
N THR A 320 -7.96 6.64 -27.56
CA THR A 320 -7.15 7.69 -27.00
C THR A 320 -5.74 7.79 -27.48
N VAL A 321 -5.11 6.67 -27.77
CA VAL A 321 -3.75 6.68 -28.21
C VAL A 321 -3.62 7.49 -29.46
N SER A 322 -4.60 7.41 -30.33
CA SER A 322 -4.65 8.18 -31.57
C SER A 322 -4.89 9.61 -31.23
N LEU A 323 -5.97 9.85 -30.47
CA LEU A 323 -6.33 11.21 -30.08
C LEU A 323 -5.21 11.95 -29.39
N ALA A 324 -4.32 11.21 -28.78
CA ALA A 324 -3.17 11.79 -28.14
C ALA A 324 -2.38 12.54 -29.18
N LEU A 325 -2.32 11.97 -30.36
CA LEU A 325 -1.59 12.51 -31.48
C LEU A 325 -2.42 13.39 -32.37
N ASP A 326 -3.60 13.79 -31.90
CA ASP A 326 -4.48 14.61 -32.70
C ASP A 326 -5.00 13.78 -33.87
N GLY A 327 -5.10 12.49 -33.58
CA GLY A 327 -5.52 11.48 -34.50
C GLY A 327 -6.96 11.38 -34.74
N ALA A 328 -7.30 10.52 -35.67
CA ALA A 328 -8.66 10.27 -36.04
C ALA A 328 -9.46 9.68 -34.94
N GLY A 329 -8.88 8.76 -34.20
CA GLY A 329 -9.61 8.12 -33.12
C GLY A 329 -10.82 7.35 -33.51
N LEU A 330 -10.71 6.57 -34.55
CA LEU A 330 -11.81 5.77 -35.01
C LEU A 330 -12.20 4.75 -33.98
N GLY A 331 -11.23 4.18 -33.30
CA GLY A 331 -11.50 3.22 -32.27
C GLY A 331 -11.56 1.78 -32.68
N THR A 332 -11.58 0.91 -31.70
CA THR A 332 -11.61 -0.50 -31.91
C THR A 332 -12.83 -0.96 -32.60
N VAL A 333 -13.90 -0.22 -32.45
CA VAL A 333 -15.16 -0.62 -33.02
C VAL A 333 -15.56 0.25 -34.17
N TRP A 334 -14.60 0.54 -35.02
CA TRP A 334 -14.84 1.35 -36.16
C TRP A 334 -15.80 0.60 -37.01
N GLY A 335 -15.69 -0.70 -36.98
CA GLY A 335 -16.62 -1.53 -37.71
C GLY A 335 -16.40 -1.79 -39.14
N ARG A 336 -17.17 -2.70 -39.69
CA ARG A 336 -17.08 -3.16 -41.10
C ARG A 336 -17.48 -2.15 -42.18
N GLN A 337 -18.60 -1.49 -41.96
CA GLN A 337 -19.16 -0.60 -42.95
C GLN A 337 -18.19 0.53 -43.21
N LEU A 338 -17.66 1.13 -42.14
CA LEU A 338 -16.68 2.19 -42.27
C LEU A 338 -15.35 1.69 -42.86
N ALA A 339 -14.92 0.49 -42.49
CA ALA A 339 -13.67 -0.06 -43.02
C ALA A 339 -13.77 -0.23 -44.55
N THR A 340 -14.82 -0.85 -44.99
CA THR A 340 -14.98 -1.02 -46.39
C THR A 340 -15.03 0.29 -47.13
N SER A 341 -15.73 1.29 -46.63
CA SER A 341 -15.83 2.55 -47.29
C SER A 341 -14.51 3.16 -47.40
N MET A 342 -13.72 3.03 -46.36
CA MET A 342 -12.40 3.59 -46.35
C MET A 342 -11.46 2.98 -47.36
N LEU A 343 -11.51 1.69 -47.50
CA LEU A 343 -10.75 0.99 -48.52
C LEU A 343 -11.04 1.61 -49.88
N ALA A 344 -12.31 1.73 -50.21
CA ALA A 344 -12.68 2.32 -51.49
C ALA A 344 -12.16 3.75 -51.61
N ASP A 345 -12.18 4.54 -50.56
CA ASP A 345 -11.68 5.88 -50.63
C ASP A 345 -10.24 5.82 -51.01
N ALA A 346 -9.57 4.81 -50.50
CA ALA A 346 -8.16 4.48 -50.73
C ALA A 346 -7.82 4.06 -52.14
N GLY A 347 -8.83 3.54 -52.83
CA GLY A 347 -8.65 3.08 -54.20
C GLY A 347 -9.06 1.66 -54.56
N PHE A 348 -9.43 0.83 -53.57
CA PHE A 348 -9.85 -0.52 -53.91
C PHE A 348 -11.27 -0.68 -54.33
N THR A 349 -11.45 -1.03 -55.58
CA THR A 349 -12.78 -1.23 -56.14
C THR A 349 -13.21 -2.71 -56.11
N ASP A 350 -12.36 -3.56 -55.56
CA ASP A 350 -12.59 -4.99 -55.49
C ASP A 350 -12.19 -5.41 -54.10
N VAL A 351 -13.18 -5.64 -53.25
CA VAL A 351 -12.99 -5.97 -51.83
C VAL A 351 -14.00 -7.03 -51.39
N THR A 352 -13.54 -8.13 -50.83
CA THR A 352 -14.42 -9.13 -50.21
C THR A 352 -14.04 -9.26 -48.74
N VAL A 353 -15.01 -9.53 -47.89
CA VAL A 353 -14.78 -9.61 -46.44
C VAL A 353 -15.04 -11.03 -46.05
N ALA A 354 -13.99 -11.72 -45.63
CA ALA A 354 -14.10 -13.11 -45.25
C ALA A 354 -14.14 -13.23 -43.73
N GLU A 355 -14.78 -14.29 -43.25
CA GLU A 355 -14.76 -14.67 -41.84
C GLU A 355 -14.34 -16.11 -41.75
N ILE A 356 -13.73 -16.50 -40.63
CA ILE A 356 -13.53 -17.92 -40.28
C ILE A 356 -14.38 -18.22 -39.07
N GLU A 357 -15.15 -19.28 -39.11
CA GLU A 357 -16.06 -19.57 -38.05
C GLU A 357 -15.41 -19.66 -36.71
N SER A 358 -14.22 -20.20 -36.66
CA SER A 358 -13.51 -20.33 -35.42
C SER A 358 -13.21 -19.01 -34.81
N ASP A 359 -12.86 -18.03 -35.64
CA ASP A 359 -12.49 -16.72 -35.16
C ASP A 359 -13.69 -15.87 -35.25
N VAL A 360 -14.04 -15.27 -34.14
CA VAL A 360 -15.21 -14.43 -34.04
C VAL A 360 -14.86 -13.00 -33.72
N LEU A 361 -13.59 -12.75 -33.52
CA LEU A 361 -13.15 -11.44 -33.14
C LEU A 361 -12.66 -10.59 -34.27
N ASN A 362 -12.41 -11.21 -35.39
CA ASN A 362 -11.85 -10.51 -36.55
C ASN A 362 -12.55 -10.76 -37.88
N ASN A 363 -12.46 -9.74 -38.74
CA ASN A 363 -12.87 -9.76 -40.14
C ASN A 363 -11.60 -9.75 -40.99
N TYR A 364 -11.57 -10.56 -42.05
CA TYR A 364 -10.44 -10.61 -42.98
C TYR A 364 -10.85 -9.95 -44.29
N TYR A 365 -10.55 -8.65 -44.42
CA TYR A 365 -10.94 -7.85 -45.59
C TYR A 365 -9.88 -8.17 -46.65
N ILE A 366 -10.29 -8.72 -47.79
CA ILE A 366 -9.38 -9.01 -48.93
C ILE A 366 -9.65 -8.00 -50.02
N ALA A 367 -8.72 -7.07 -50.25
CA ALA A 367 -8.88 -6.01 -51.24
C ALA A 367 -7.88 -6.19 -52.37
N ARG A 368 -8.36 -6.15 -53.62
CA ARG A 368 -7.51 -6.37 -54.80
C ARG A 368 -7.32 -5.07 -55.57
N LYS A 369 -6.11 -4.90 -56.13
CA LYS A 369 -5.73 -3.75 -56.94
C LYS A 369 -5.83 -4.07 -58.43
N LEU A 370 -6.24 -3.07 -59.21
CA LEU A 370 -6.54 -3.25 -60.62
C LEU A 370 -5.26 -3.54 -61.39
N GLU A 371 -5.40 -4.35 -62.43
CA GLU A 371 -4.27 -4.88 -63.19
C GLU A 371 -3.70 -3.90 -64.22
N HIS A 372 -4.48 -2.96 -64.74
CA HIS A 372 -4.03 -2.05 -65.81
C HIS A 372 -2.92 -1.08 -65.32
N HIS A 373 -2.17 -0.48 -66.25
CA HIS A 373 -1.13 0.49 -65.93
C HIS A 373 -1.47 1.94 -66.35
N GLU B 22 -22.67 -27.60 -15.61
CA GLU B 22 -22.68 -26.94 -16.89
C GLU B 22 -21.76 -27.67 -17.80
N THR B 23 -21.82 -27.34 -19.07
CA THR B 23 -20.98 -27.96 -20.07
C THR B 23 -20.08 -26.87 -20.55
N THR B 24 -19.22 -27.18 -21.49
CA THR B 24 -18.32 -26.19 -21.98
C THR B 24 -18.88 -24.97 -22.67
N GLU B 25 -19.89 -25.11 -23.48
CA GLU B 25 -20.41 -23.96 -24.20
C GLU B 25 -20.86 -22.94 -23.21
N GLU B 26 -21.47 -23.42 -22.16
CA GLU B 26 -22.00 -22.57 -21.12
C GLU B 26 -21.02 -21.78 -20.33
N PHE B 27 -19.84 -22.29 -20.15
CA PHE B 27 -18.88 -21.63 -19.33
C PHE B 27 -18.39 -20.43 -20.11
N GLY B 28 -17.96 -20.66 -21.32
CA GLY B 28 -17.48 -19.59 -22.14
C GLY B 28 -18.46 -18.46 -22.24
N ASN B 29 -19.72 -18.77 -22.31
CA ASN B 29 -20.70 -17.72 -22.39
C ASN B 29 -20.63 -16.97 -21.10
N ARG B 30 -20.76 -17.70 -20.02
CA ARG B 30 -20.65 -17.12 -18.68
C ARG B 30 -19.40 -16.29 -18.60
N PHE B 31 -18.25 -16.89 -18.89
CA PHE B 31 -16.97 -16.20 -18.69
C PHE B 31 -16.74 -15.04 -19.63
N VAL B 32 -17.29 -15.13 -20.83
CA VAL B 32 -17.21 -14.01 -21.77
C VAL B 32 -18.05 -12.90 -21.20
N ALA B 33 -19.30 -13.22 -20.87
CA ALA B 33 -20.18 -12.21 -20.29
C ALA B 33 -19.46 -11.50 -19.14
N ALA B 34 -18.78 -12.27 -18.30
CA ALA B 34 -18.01 -11.70 -17.19
C ALA B 34 -17.05 -10.60 -17.67
N ILE B 35 -16.32 -10.85 -18.71
CA ILE B 35 -15.41 -9.84 -19.20
C ILE B 35 -16.11 -8.63 -19.68
N ASP B 36 -17.35 -8.80 -20.07
CA ASP B 36 -18.08 -7.70 -20.57
C ASP B 36 -18.60 -6.92 -19.41
N SER B 37 -18.80 -7.59 -18.32
CA SER B 37 -19.33 -7.00 -17.12
C SER B 37 -18.27 -6.26 -16.44
N ALA B 38 -17.09 -6.83 -16.48
CA ALA B 38 -15.88 -6.19 -15.97
C ALA B 38 -15.63 -4.84 -16.60
N GLY B 39 -15.76 -4.80 -17.92
CA GLY B 39 -15.61 -3.57 -18.66
C GLY B 39 -16.71 -2.60 -18.27
N LEU B 40 -17.94 -3.11 -18.19
CA LEU B 40 -19.09 -2.27 -17.84
C LEU B 40 -18.84 -1.54 -16.52
N ALA B 41 -18.42 -2.30 -15.50
CA ALA B 41 -18.05 -1.74 -14.19
C ALA B 41 -17.18 -0.51 -14.37
N ILE B 42 -16.10 -0.67 -15.11
CA ILE B 42 -15.15 0.42 -15.33
C ILE B 42 -15.87 1.64 -15.94
N LEU B 43 -16.72 1.37 -16.93
CA LEU B 43 -17.46 2.42 -17.59
C LEU B 43 -18.33 3.21 -16.60
N VAL B 44 -18.87 2.51 -15.61
CA VAL B 44 -19.75 3.15 -14.65
C VAL B 44 -18.92 4.06 -13.76
N SER B 45 -17.81 3.54 -13.25
CA SER B 45 -16.87 4.33 -12.45
C SER B 45 -16.44 5.62 -13.11
N VAL B 46 -16.27 5.56 -14.42
CA VAL B 46 -15.88 6.71 -15.19
C VAL B 46 -17.05 7.70 -15.27
N GLY B 47 -18.24 7.17 -15.48
CA GLY B 47 -19.46 7.97 -15.50
C GLY B 47 -19.72 8.70 -14.19
N HIS B 48 -19.37 8.04 -13.09
CA HIS B 48 -19.49 8.63 -11.76
C HIS B 48 -18.51 9.81 -11.63
N GLN B 49 -17.23 9.50 -11.80
CA GLN B 49 -16.18 10.49 -11.60
C GLN B 49 -16.26 11.70 -12.54
N THR B 50 -16.95 11.54 -13.67
CA THR B 50 -17.12 12.59 -14.69
C THR B 50 -18.41 13.38 -14.57
N GLY B 51 -19.35 12.84 -13.80
CA GLY B 51 -20.70 13.40 -13.68
C GLY B 51 -21.51 13.25 -14.94
N LEU B 52 -21.23 12.21 -15.72
CA LEU B 52 -22.03 11.91 -16.91
C LEU B 52 -23.32 11.32 -16.42
N LEU B 53 -23.20 10.28 -15.60
CA LEU B 53 -24.35 9.66 -14.97
C LEU B 53 -25.23 10.70 -14.29
N ASP B 54 -24.63 11.68 -13.61
CA ASP B 54 -25.38 12.77 -12.96
C ASP B 54 -26.11 13.57 -14.02
N THR B 55 -25.36 14.13 -14.95
CA THR B 55 -25.90 14.95 -16.03
C THR B 55 -27.07 14.27 -16.76
N MET B 56 -26.91 12.97 -17.05
CA MET B 56 -27.91 12.23 -17.83
C MET B 56 -29.20 12.04 -17.06
N ALA B 57 -29.09 11.77 -15.76
CA ALA B 57 -30.27 11.73 -14.92
C ALA B 57 -31.04 13.05 -14.95
N GLY B 58 -30.34 14.18 -15.07
CA GLY B 58 -31.00 15.49 -15.27
C GLY B 58 -31.36 15.86 -16.72
N LEU B 59 -31.57 14.87 -17.60
CA LEU B 59 -31.73 15.12 -19.04
C LEU B 59 -32.75 14.24 -19.73
N PRO B 60 -33.36 14.75 -20.83
CA PRO B 60 -34.27 13.94 -21.64
C PRO B 60 -33.43 13.12 -22.65
N PRO B 61 -34.08 12.41 -23.59
CA PRO B 61 -33.27 11.76 -24.64
C PRO B 61 -32.44 12.79 -25.43
N ALA B 62 -31.19 12.46 -25.73
CA ALA B 62 -30.28 13.42 -26.39
C ALA B 62 -29.11 12.78 -27.14
N THR B 63 -28.47 13.58 -27.97
CA THR B 63 -27.38 13.12 -28.84
C THR B 63 -26.09 13.15 -28.06
N SER B 64 -25.09 12.42 -28.57
CA SER B 64 -23.76 12.46 -27.98
C SER B 64 -23.29 13.90 -27.75
N MET B 65 -23.48 14.76 -28.74
CA MET B 65 -22.94 16.14 -28.69
C MET B 65 -23.68 16.99 -27.66
N GLU B 66 -24.99 16.81 -27.61
CA GLU B 66 -25.84 17.41 -26.58
C GLU B 66 -25.40 17.04 -25.16
N ILE B 67 -25.12 15.76 -24.94
CA ILE B 67 -24.74 15.25 -23.62
C ILE B 67 -23.33 15.71 -23.21
N ALA B 68 -22.40 15.66 -24.15
CA ALA B 68 -21.08 16.22 -23.94
C ALA B 68 -21.14 17.69 -23.54
N GLU B 69 -21.93 18.45 -24.29
CA GLU B 69 -22.11 19.89 -24.02
C GLU B 69 -22.67 20.19 -22.63
N ALA B 70 -23.66 19.39 -22.22
CA ALA B 70 -24.26 19.47 -20.88
C ALA B 70 -23.21 19.24 -19.81
N ALA B 71 -22.49 18.13 -19.93
CA ALA B 71 -21.44 17.79 -18.99
C ALA B 71 -20.19 18.67 -19.08
N GLY B 72 -20.01 19.46 -20.14
CA GLY B 72 -18.79 20.25 -20.29
C GLY B 72 -17.58 19.36 -20.54
N LEU B 73 -17.71 18.48 -21.54
CA LEU B 73 -16.72 17.44 -21.83
C LEU B 73 -16.50 17.18 -23.34
N GLU B 74 -15.42 16.47 -23.63
CA GLU B 74 -15.06 16.07 -24.97
C GLU B 74 -16.02 15.06 -25.50
N GLU B 75 -16.80 15.45 -26.47
CA GLU B 75 -17.83 14.62 -27.08
C GLU B 75 -17.32 13.26 -27.50
N ARG B 76 -16.11 13.22 -28.03
CA ARG B 76 -15.55 12.00 -28.57
C ARG B 76 -15.47 10.96 -27.46
N TYR B 77 -14.80 11.31 -26.38
CA TYR B 77 -14.73 10.45 -25.20
C TYR B 77 -16.13 9.99 -24.76
N VAL B 78 -17.04 10.95 -24.65
CA VAL B 78 -18.43 10.66 -24.26
C VAL B 78 -19.10 9.67 -25.21
N ARG B 79 -18.89 9.86 -26.51
CA ARG B 79 -19.52 9.00 -27.53
C ARG B 79 -19.19 7.54 -27.34
N GLU B 80 -17.93 7.27 -27.08
CA GLU B 80 -17.47 5.92 -26.86
C GLU B 80 -17.98 5.41 -25.54
N TRP B 81 -18.01 6.25 -24.53
CA TRP B 81 -18.56 5.91 -23.22
C TRP B 81 -19.99 5.42 -23.41
N LEU B 82 -20.77 6.21 -24.13
CA LEU B 82 -22.18 5.90 -24.39
C LEU B 82 -22.34 4.57 -25.10
N GLY B 83 -21.44 4.29 -26.04
CA GLY B 83 -21.38 2.99 -26.71
C GLY B 83 -21.33 1.83 -25.74
N GLY B 84 -20.28 1.82 -24.93
CA GLY B 84 -20.10 0.78 -23.91
C GLY B 84 -21.25 0.68 -22.94
N MET B 85 -21.73 1.84 -22.48
CA MET B 85 -22.90 1.89 -21.61
C MET B 85 -24.14 1.32 -22.29
N THR B 86 -24.31 1.70 -23.57
CA THR B 86 -25.40 1.20 -24.42
C THR B 86 -25.37 -0.30 -24.67
N THR B 87 -24.23 -0.86 -25.06
CA THR B 87 -24.13 -2.31 -25.27
C THR B 87 -24.34 -3.07 -23.95
N GLY B 88 -23.84 -2.48 -22.86
CA GLY B 88 -24.02 -3.02 -21.51
C GLY B 88 -25.40 -2.84 -20.92
N GLN B 89 -26.27 -2.27 -21.71
CA GLN B 89 -27.63 -2.09 -21.34
C GLN B 89 -27.92 -1.29 -20.13
N ILE B 90 -27.22 -0.20 -19.96
CA ILE B 90 -27.51 0.71 -18.89
C ILE B 90 -28.17 1.84 -19.64
N VAL B 91 -27.46 2.39 -20.60
CA VAL B 91 -27.98 3.47 -21.40
C VAL B 91 -28.84 2.91 -22.51
N GLU B 92 -29.70 3.74 -23.07
CA GLU B 92 -30.57 3.35 -24.15
C GLU B 92 -30.38 4.29 -25.26
N TYR B 93 -30.21 3.75 -26.45
CA TYR B 93 -30.00 4.55 -27.63
C TYR B 93 -31.09 4.27 -28.63
N ASP B 94 -31.69 5.33 -29.15
CA ASP B 94 -32.70 5.24 -30.18
C ASP B 94 -32.00 5.33 -31.51
N ALA B 95 -31.97 4.16 -32.17
CA ALA B 95 -31.42 4.01 -33.52
C ALA B 95 -31.99 5.04 -34.51
N GLY B 96 -33.28 5.34 -34.37
CA GLY B 96 -34.00 6.25 -35.28
C GLY B 96 -33.62 7.70 -35.18
N SER B 97 -33.57 8.17 -33.94
CA SER B 97 -33.28 9.53 -33.57
C SER B 97 -31.84 9.74 -33.24
N SER B 98 -31.13 8.68 -32.96
CA SER B 98 -29.73 8.81 -32.63
C SER B 98 -29.49 9.57 -31.35
N THR B 99 -30.27 9.26 -30.35
CA THR B 99 -30.16 9.89 -29.10
C THR B 99 -30.13 8.82 -28.09
N TYR B 100 -29.49 9.14 -26.97
CA TYR B 100 -29.33 8.22 -25.89
C TYR B 100 -30.13 8.67 -24.70
N SER B 101 -30.50 7.71 -23.86
CA SER B 101 -31.29 7.99 -22.66
C SER B 101 -30.96 7.03 -21.53
N LEU B 102 -30.87 7.58 -20.32
CA LEU B 102 -30.57 6.81 -19.14
C LEU B 102 -31.85 6.51 -18.45
N PRO B 103 -32.34 5.29 -18.47
CA PRO B 103 -33.60 4.97 -17.79
C PRO B 103 -33.60 5.37 -16.33
N ALA B 104 -34.66 6.05 -15.89
CA ALA B 104 -34.78 6.55 -14.53
C ALA B 104 -34.68 5.51 -13.47
N HIS B 105 -35.27 4.38 -13.67
CA HIS B 105 -35.14 3.29 -12.69
C HIS B 105 -33.67 2.89 -12.47
N ARG B 106 -32.84 3.21 -13.42
CA ARG B 106 -31.43 2.93 -13.35
C ARG B 106 -30.64 4.12 -12.84
N ALA B 107 -31.12 5.33 -13.09
CA ALA B 107 -30.41 6.51 -12.68
C ALA B 107 -30.44 6.75 -11.23
N GLY B 108 -31.35 6.08 -10.56
CA GLY B 108 -31.53 6.25 -9.15
C GLY B 108 -30.77 5.16 -8.47
N MET B 109 -29.87 4.56 -9.21
CA MET B 109 -29.02 3.52 -8.67
C MET B 109 -27.62 3.78 -9.08
N LEU B 110 -27.39 4.92 -9.75
CA LEU B 110 -26.09 5.28 -10.20
C LEU B 110 -25.86 6.75 -10.12
N THR B 111 -26.68 7.49 -9.39
CA THR B 111 -26.44 8.93 -9.31
C THR B 111 -26.17 9.46 -7.90
N ARG B 112 -25.39 10.52 -7.77
CA ARG B 112 -25.11 11.07 -6.43
C ARG B 112 -26.39 11.37 -5.65
N ALA B 113 -27.41 11.80 -6.37
CA ALA B 113 -28.67 12.13 -5.77
C ALA B 113 -29.40 10.98 -5.18
N ALA B 114 -28.98 9.78 -5.51
CA ALA B 114 -29.61 8.60 -4.98
C ALA B 114 -29.08 8.33 -3.60
N GLY B 115 -28.18 9.18 -3.13
CA GLY B 115 -27.63 9.02 -1.82
C GLY B 115 -26.94 7.72 -1.67
N PRO B 116 -27.35 6.94 -0.69
CA PRO B 116 -26.75 5.66 -0.35
C PRO B 116 -26.96 4.59 -1.36
N ASP B 117 -27.95 4.79 -2.18
CA ASP B 117 -28.30 3.87 -3.22
C ASP B 117 -27.44 3.87 -4.45
N ASN B 118 -26.59 4.85 -4.63
CA ASN B 118 -25.75 4.95 -5.79
C ASN B 118 -24.63 3.89 -5.82
N LEU B 119 -24.78 2.93 -6.72
CA LEU B 119 -23.88 1.82 -6.89
C LEU B 119 -22.71 2.14 -7.75
N ALA B 120 -22.75 3.26 -8.40
CA ALA B 120 -21.61 3.68 -9.24
C ALA B 120 -20.35 3.99 -8.42
N VAL B 121 -20.51 4.23 -7.13
CA VAL B 121 -19.39 4.51 -6.27
C VAL B 121 -18.53 3.27 -6.23
N ILE B 122 -19.09 2.16 -5.76
CA ILE B 122 -18.33 0.92 -5.54
C ILE B 122 -17.55 0.39 -6.76
N ALA B 123 -18.01 0.71 -7.97
CA ALA B 123 -17.29 0.37 -9.20
C ALA B 123 -15.89 1.05 -9.34
N GLN B 124 -15.68 2.15 -8.60
CA GLN B 124 -14.42 2.87 -8.61
C GLN B 124 -13.28 2.04 -8.09
N PHE B 125 -13.64 1.07 -7.24
CA PHE B 125 -12.69 0.16 -6.63
C PHE B 125 -12.09 -0.83 -7.64
N VAL B 126 -12.79 -1.12 -8.72
CA VAL B 126 -12.27 -2.04 -9.71
C VAL B 126 -11.00 -1.54 -10.32
N SER B 127 -10.96 -0.28 -10.68
CA SER B 127 -9.78 0.37 -11.22
C SER B 127 -8.68 0.52 -10.17
N LEU B 128 -9.07 0.90 -8.97
CA LEU B 128 -8.15 1.08 -7.90
C LEU B 128 -7.45 -0.23 -7.58
N LEU B 129 -8.17 -1.34 -7.57
CA LEU B 129 -7.55 -2.66 -7.39
C LEU B 129 -6.69 -3.10 -8.56
N GLY B 130 -7.15 -2.77 -9.78
CA GLY B 130 -6.40 -3.05 -11.00
C GLY B 130 -5.04 -2.40 -11.01
N GLU B 131 -4.96 -1.22 -10.40
CA GLU B 131 -3.71 -0.47 -10.31
C GLU B 131 -2.58 -1.22 -9.62
N VAL B 132 -2.90 -2.20 -8.78
CA VAL B 132 -1.86 -2.95 -8.08
C VAL B 132 -1.85 -4.47 -8.33
N GLU B 133 -2.52 -4.91 -9.40
CA GLU B 133 -2.53 -6.31 -9.78
C GLU B 133 -1.12 -6.88 -9.84
N GLN B 134 -0.19 -6.12 -10.43
CA GLN B 134 1.17 -6.62 -10.67
C GLN B 134 1.95 -6.71 -9.39
N LYS B 135 1.82 -5.69 -8.54
CA LYS B 135 2.47 -5.71 -7.23
C LYS B 135 1.92 -6.82 -6.35
N VAL B 136 0.65 -7.12 -6.52
CA VAL B 136 0.02 -8.21 -5.79
C VAL B 136 0.49 -9.55 -6.28
N ILE B 137 0.56 -9.74 -7.60
CA ILE B 137 1.01 -11.02 -8.12
C ILE B 137 2.41 -11.32 -7.62
N ARG B 138 3.25 -10.29 -7.49
CA ARG B 138 4.59 -10.47 -6.94
C ARG B 138 4.60 -11.09 -5.53
N CYS B 139 3.63 -10.75 -4.70
CA CYS B 139 3.54 -11.32 -3.35
C CYS B 139 3.14 -12.80 -3.32
N PHE B 140 2.45 -13.27 -4.37
CA PHE B 140 2.14 -14.70 -4.49
C PHE B 140 3.44 -15.49 -4.54
N ARG B 141 4.39 -14.98 -5.32
CA ARG B 141 5.73 -15.56 -5.48
C ARG B 141 6.57 -15.31 -4.20
N GLU B 142 6.57 -14.05 -3.74
CA GLU B 142 7.56 -13.56 -2.77
C GLU B 142 7.13 -13.34 -1.32
N GLY B 143 5.84 -13.46 -1.02
CA GLY B 143 5.35 -13.13 0.33
C GLY B 143 5.33 -11.63 0.63
N GLY B 144 5.18 -11.29 1.90
CA GLY B 144 5.00 -9.91 2.32
C GLY B 144 3.65 -9.40 1.87
N GLY B 145 3.57 -8.10 1.56
CA GLY B 145 2.35 -7.53 1.01
C GLY B 145 2.53 -6.11 0.53
N VAL B 146 1.44 -5.50 0.09
CA VAL B 146 1.45 -4.14 -0.46
C VAL B 146 1.01 -3.15 0.60
N PRO B 147 1.86 -2.13 0.90
CA PRO B 147 1.50 -1.16 1.94
C PRO B 147 0.39 -0.16 1.55
N TYR B 148 -0.19 0.48 2.56
CA TYR B 148 -1.21 1.52 2.38
C TYR B 148 -0.74 2.66 1.47
N SER B 149 0.55 2.97 1.49
CA SER B 149 1.07 4.11 0.70
C SER B 149 1.04 3.87 -0.81
N GLU B 150 0.76 2.66 -1.20
CA GLU B 150 0.62 2.35 -2.59
C GLU B 150 -0.82 2.49 -3.03
N TYR B 151 -1.70 2.97 -2.18
CA TYR B 151 -3.08 3.14 -2.55
C TYR B 151 -3.49 4.56 -2.20
N PRO B 152 -2.92 5.55 -2.87
CA PRO B 152 -3.24 6.93 -2.55
C PRO B 152 -4.69 7.29 -2.72
N ARG B 153 -5.33 6.80 -3.76
CA ARG B 153 -6.73 7.03 -4.07
C ARG B 153 -7.72 6.45 -3.10
N PHE B 154 -7.31 5.49 -2.32
CA PHE B 154 -8.20 4.82 -1.40
C PHE B 154 -8.89 5.65 -0.32
N HIS B 155 -8.18 6.55 0.31
CA HIS B 155 -8.82 7.32 1.33
C HIS B 155 -10.03 8.01 0.80
N LYS B 156 -9.96 8.59 -0.36
CA LYS B 156 -11.11 9.26 -0.92
C LYS B 156 -12.26 8.33 -1.23
N LEU B 157 -11.99 7.16 -1.77
CA LEU B 157 -13.03 6.21 -2.09
C LEU B 157 -13.67 5.64 -0.87
N MET B 158 -12.85 5.38 0.13
CA MET B 158 -13.35 4.85 1.37
C MET B 158 -14.22 5.83 2.09
N ALA B 159 -13.84 7.08 2.02
CA ALA B 159 -14.58 8.11 2.66
C ALA B 159 -15.89 8.26 2.01
N GLU B 160 -15.93 8.15 0.70
CA GLU B 160 -17.14 8.27 -0.07
C GLU B 160 -18.04 7.09 0.07
N MET B 161 -17.46 5.93 0.02
CA MET B 161 -18.21 4.74 0.16
C MET B 161 -18.81 4.69 1.52
N SER B 162 -17.99 5.01 2.52
CA SER B 162 -18.42 5.06 3.91
C SER B 162 -19.38 6.21 4.23
N GLY B 163 -19.09 7.36 3.63
CA GLY B 163 -19.83 8.59 3.84
C GLY B 163 -21.27 8.52 3.52
N MET B 164 -21.58 7.75 2.52
CA MET B 164 -22.97 7.44 2.08
C MET B 164 -23.84 6.91 3.21
N VAL B 165 -23.30 5.93 3.92
CA VAL B 165 -24.01 5.28 5.02
C VAL B 165 -23.99 6.19 6.26
N PHE B 166 -22.91 6.92 6.49
CA PHE B 166 -22.83 7.86 7.62
C PHE B 166 -23.89 8.97 7.59
N ASP B 167 -24.07 9.61 6.45
CA ASP B 167 -25.03 10.72 6.32
C ASP B 167 -26.44 10.19 6.34
N ALA B 168 -26.61 9.03 5.74
CA ALA B 168 -27.91 8.41 5.62
C ALA B 168 -28.41 7.86 6.93
N ALA B 169 -27.53 7.33 7.78
CA ALA B 169 -28.01 6.48 8.88
C ALA B 169 -27.30 6.53 10.24
N LEU B 170 -26.17 7.21 10.38
CA LEU B 170 -25.37 7.10 11.61
C LEU B 170 -26.16 7.50 12.85
N ILE B 171 -26.65 8.73 12.79
CA ILE B 171 -27.22 9.43 13.92
C ILE B 171 -28.63 8.92 14.25
N ASP B 172 -29.43 8.70 13.23
CA ASP B 172 -30.79 8.25 13.41
C ASP B 172 -31.02 6.76 13.32
N VAL B 173 -30.08 5.98 12.81
CA VAL B 173 -30.28 4.54 12.73
C VAL B 173 -29.30 3.67 13.48
N VAL B 174 -28.01 3.94 13.31
CA VAL B 174 -26.92 3.20 13.95
C VAL B 174 -26.69 3.42 15.45
N LEU B 175 -26.60 4.65 15.87
CA LEU B 175 -26.42 4.99 17.28
C LEU B 175 -27.60 4.51 18.17
N PRO B 176 -28.85 4.65 17.68
CA PRO B 176 -30.02 4.11 18.37
C PRO B 176 -30.10 2.61 18.52
N LEU B 177 -29.16 1.86 17.96
CA LEU B 177 -29.17 0.41 18.17
C LEU B 177 -28.70 0.02 19.57
N VAL B 178 -28.09 0.96 20.27
CA VAL B 178 -27.60 0.72 21.59
C VAL B 178 -28.54 1.47 22.50
N ASP B 179 -29.21 0.73 23.36
CA ASP B 179 -30.18 1.37 24.17
C ASP B 179 -29.57 2.45 24.99
N GLY B 180 -30.22 3.59 24.93
CA GLY B 180 -29.87 4.75 25.70
C GLY B 180 -28.65 5.50 25.31
N LEU B 181 -28.01 5.08 24.25
CA LEU B 181 -26.81 5.74 23.84
C LEU B 181 -27.13 7.11 23.39
N PRO B 182 -28.28 7.24 22.63
CA PRO B 182 -28.58 8.60 22.21
C PRO B 182 -28.79 9.56 23.37
N ASP B 183 -29.48 9.12 24.39
CA ASP B 183 -29.75 9.92 25.54
C ASP B 183 -28.50 10.29 26.22
N ARG B 184 -27.60 9.35 26.28
CA ARG B 184 -26.32 9.51 26.91
C ARG B 184 -25.50 10.55 26.24
N LEU B 185 -25.50 10.56 24.93
CA LEU B 185 -24.74 11.51 24.18
C LEU B 185 -25.26 12.90 24.40
N ARG B 186 -26.57 12.99 24.44
CA ARG B 186 -27.22 14.25 24.67
C ARG B 186 -26.83 14.77 26.01
N SER B 187 -26.78 13.90 27.01
CA SER B 187 -26.43 14.33 28.37
C SER B 187 -24.99 14.84 28.47
N GLY B 188 -24.11 14.15 27.77
CA GLY B 188 -22.68 14.40 27.70
C GLY B 188 -21.93 13.11 27.96
N ALA B 189 -20.92 12.82 27.16
CA ALA B 189 -20.11 11.62 27.30
C ALA B 189 -18.83 11.76 26.56
N ASP B 190 -17.83 10.96 26.89
CA ASP B 190 -16.54 10.99 26.15
C ASP B 190 -16.56 9.82 25.17
N VAL B 191 -16.41 10.14 23.87
CA VAL B 191 -16.60 9.20 22.78
C VAL B 191 -15.39 9.18 21.85
N ALA B 192 -14.97 7.98 21.41
CA ALA B 192 -13.81 7.83 20.51
C ALA B 192 -14.10 7.00 19.27
N ASP B 193 -13.68 7.50 18.11
CA ASP B 193 -13.72 6.76 16.84
C ASP B 193 -12.29 6.27 16.53
N PHE B 194 -12.14 4.96 16.54
CA PHE B 194 -10.88 4.31 16.22
C PHE B 194 -10.90 3.95 14.74
N GLY B 195 -9.77 4.12 14.05
CA GLY B 195 -9.69 3.88 12.63
C GLY B 195 -10.69 4.82 11.94
N CYS B 196 -10.74 6.05 12.42
CA CYS B 196 -11.72 7.01 11.96
C CYS B 196 -11.68 7.39 10.49
N GLY B 197 -10.58 7.20 9.86
CA GLY B 197 -10.51 7.62 8.50
C GLY B 197 -10.49 9.11 8.47
N SER B 198 -11.34 9.69 7.69
CA SER B 198 -11.36 11.12 7.51
C SER B 198 -12.22 11.92 8.43
N GLY B 199 -12.67 11.32 9.52
CA GLY B 199 -13.47 12.00 10.51
C GLY B 199 -14.87 12.39 10.17
N ARG B 200 -15.51 11.66 9.30
CA ARG B 200 -16.86 11.99 8.92
C ARG B 200 -17.80 11.71 10.03
N ALA B 201 -17.75 10.49 10.54
CA ALA B 201 -18.66 10.08 11.61
C ALA B 201 -18.44 10.97 12.79
N VAL B 202 -17.20 11.28 13.09
CA VAL B 202 -16.94 12.15 14.21
C VAL B 202 -17.56 13.51 14.03
N LYS B 203 -17.50 14.08 12.82
CA LYS B 203 -18.05 15.39 12.53
C LYS B 203 -19.53 15.39 12.70
N LEU B 204 -20.20 14.29 12.24
CA LEU B 204 -21.62 14.24 12.34
C LEU B 204 -22.05 14.18 13.76
N MET B 205 -21.45 13.30 14.54
CA MET B 205 -21.75 13.14 15.97
C MET B 205 -21.45 14.40 16.81
N ALA B 206 -20.36 15.11 16.49
CA ALA B 206 -19.96 16.30 17.26
C ALA B 206 -20.96 17.45 17.15
N GLN B 207 -21.50 17.65 15.94
CA GLN B 207 -22.59 18.61 15.72
C GLN B 207 -23.87 18.13 16.36
N ALA B 208 -24.15 16.85 16.24
CA ALA B 208 -25.35 16.26 16.80
C ALA B 208 -25.37 16.26 18.30
N PHE B 209 -24.24 16.07 18.94
CA PHE B 209 -24.22 16.04 20.40
C PHE B 209 -23.19 16.97 21.00
N GLY B 210 -23.56 18.24 21.09
CA GLY B 210 -22.73 19.33 21.54
C GLY B 210 -22.20 19.24 22.94
N ALA B 211 -22.87 18.48 23.77
CA ALA B 211 -22.47 18.21 25.16
C ALA B 211 -21.50 17.05 25.32
N SER B 212 -21.22 16.34 24.25
CA SER B 212 -20.31 15.22 24.29
C SER B 212 -19.05 15.61 23.60
N ARG B 213 -17.96 15.01 24.00
CA ARG B 213 -16.70 15.33 23.44
C ARG B 213 -16.18 14.14 22.69
N PHE B 214 -15.79 14.35 21.44
CA PHE B 214 -15.32 13.28 20.60
C PHE B 214 -13.90 13.39 20.14
N THR B 215 -13.25 12.24 20.00
CA THR B 215 -11.88 12.17 19.53
C THR B 215 -11.78 11.07 18.47
N GLY B 216 -11.16 11.36 17.36
CA GLY B 216 -10.99 10.38 16.33
C GLY B 216 -9.54 9.97 16.15
N ILE B 217 -9.27 8.68 16.05
CA ILE B 217 -7.90 8.23 15.87
C ILE B 217 -7.60 7.34 14.65
N ASP B 218 -6.58 7.72 13.91
CA ASP B 218 -6.09 6.99 12.75
C ASP B 218 -4.57 7.11 12.70
N PHE B 219 -3.90 6.21 12.03
CA PHE B 219 -2.46 6.26 11.90
C PHE B 219 -2.01 6.95 10.65
N SER B 220 -2.95 7.37 9.84
CA SER B 220 -2.72 8.15 8.63
C SER B 220 -2.59 9.65 8.97
N ASP B 221 -1.69 10.36 8.31
CA ASP B 221 -1.60 11.82 8.42
C ASP B 221 -2.70 12.47 7.64
N GLU B 222 -3.00 11.84 6.49
CA GLU B 222 -4.07 12.25 5.55
C GLU B 222 -5.43 12.29 6.20
N ALA B 223 -5.81 11.21 6.83
CA ALA B 223 -7.09 11.15 7.48
C ALA B 223 -7.21 12.11 8.66
N VAL B 224 -6.18 12.18 9.48
CA VAL B 224 -6.19 13.05 10.62
C VAL B 224 -6.20 14.45 10.15
N ALA B 225 -5.53 14.68 9.04
CA ALA B 225 -5.51 16.01 8.50
C ALA B 225 -6.89 16.37 8.06
N ALA B 226 -7.53 15.46 7.35
CA ALA B 226 -8.84 15.72 6.84
C ALA B 226 -9.90 15.90 7.89
N GLY B 227 -9.93 14.99 8.85
CA GLY B 227 -10.89 15.09 9.92
C GLY B 227 -10.54 16.29 10.75
N THR B 228 -9.24 16.47 10.98
CA THR B 228 -8.78 17.57 11.81
C THR B 228 -9.22 18.88 11.19
N GLU B 229 -9.20 18.93 9.86
CA GLU B 229 -9.56 20.14 9.16
C GLU B 229 -11.01 20.52 9.12
N GLU B 230 -11.88 19.56 8.85
CA GLU B 230 -13.28 19.86 8.72
C GLU B 230 -13.79 20.53 9.98
N ALA B 231 -13.32 20.06 11.12
CA ALA B 231 -13.68 20.60 12.41
C ALA B 231 -13.19 22.02 12.63
N ALA B 232 -11.97 22.29 12.25
CA ALA B 232 -11.43 23.64 12.31
C ALA B 232 -12.40 24.58 11.58
N ARG B 233 -12.76 24.18 10.35
CA ARG B 233 -13.71 24.90 9.49
C ARG B 233 -15.07 25.15 10.13
N LEU B 234 -15.68 24.12 10.71
CA LEU B 234 -17.01 24.24 11.36
C LEU B 234 -16.98 24.71 12.84
N GLY B 235 -15.80 24.98 13.36
CA GLY B 235 -15.65 25.40 14.74
C GLY B 235 -16.23 24.43 15.74
N LEU B 236 -16.12 23.14 15.48
CA LEU B 236 -16.66 22.17 16.40
C LEU B 236 -15.61 21.88 17.41
N ALA B 237 -15.69 22.57 18.53
CA ALA B 237 -14.74 22.47 19.62
C ALA B 237 -14.65 21.10 20.27
N ASN B 238 -15.78 20.48 20.35
CA ASN B 238 -15.93 19.15 20.94
C ASN B 238 -15.41 18.00 20.06
N ALA B 239 -14.87 18.32 18.89
CA ALA B 239 -14.16 17.33 18.06
C ALA B 239 -12.67 17.63 18.09
N THR B 240 -11.88 16.57 18.29
CA THR B 240 -10.42 16.66 18.39
C THR B 240 -9.85 15.42 17.71
N PHE B 241 -8.68 15.56 17.08
CA PHE B 241 -8.09 14.42 16.37
C PHE B 241 -6.65 14.16 16.82
N GLU B 242 -6.32 12.87 16.90
CA GLU B 242 -5.02 12.39 17.35
C GLU B 242 -4.54 11.29 16.41
N ARG B 243 -3.26 11.36 16.03
CA ARG B 243 -2.64 10.29 15.28
C ARG B 243 -2.01 9.28 16.24
N HIS B 244 -2.49 8.04 16.23
CA HIS B 244 -1.87 6.92 16.95
C HIS B 244 -2.05 5.64 16.14
N ASP B 245 -1.24 4.64 16.44
CA ASP B 245 -1.42 3.30 15.90
C ASP B 245 -2.28 2.61 16.92
N LEU B 246 -3.37 2.00 16.49
CA LEU B 246 -4.31 1.36 17.43
C LEU B 246 -3.73 0.17 18.21
N ALA B 247 -2.71 -0.47 17.64
CA ALA B 247 -2.05 -1.59 18.31
C ALA B 247 -1.21 -1.17 19.53
N GLU B 248 -0.97 0.11 19.68
CA GLU B 248 -0.22 0.58 20.83
C GLU B 248 -0.77 1.89 21.28
N LEU B 249 -1.41 1.86 22.44
CA LEU B 249 -2.11 3.01 23.04
C LEU B 249 -2.03 3.04 24.57
N ASP B 250 -2.01 4.25 25.13
CA ASP B 250 -1.92 4.46 26.58
C ASP B 250 -3.26 4.83 27.22
N LYS B 251 -4.36 4.69 26.48
CA LYS B 251 -5.70 5.10 26.94
C LYS B 251 -6.27 4.04 27.86
N VAL B 252 -6.56 4.40 29.09
CA VAL B 252 -7.12 3.47 30.02
C VAL B 252 -8.35 4.10 30.61
N GLY B 253 -9.48 3.44 30.48
CA GLY B 253 -10.70 3.93 31.05
C GLY B 253 -10.96 5.34 30.67
N ALA B 254 -10.81 5.69 29.41
CA ALA B 254 -10.97 7.06 28.97
C ALA B 254 -12.15 7.41 28.17
N TYR B 255 -12.91 6.43 27.79
CA TYR B 255 -14.07 6.59 26.91
C TYR B 255 -15.27 5.80 27.39
N ASP B 256 -16.42 6.46 27.39
CA ASP B 256 -17.70 5.82 27.70
C ASP B 256 -18.15 4.94 26.53
N VAL B 257 -17.85 5.42 25.32
CA VAL B 257 -18.21 4.77 24.07
C VAL B 257 -17.05 4.82 23.07
N ILE B 258 -16.79 3.69 22.42
CA ILE B 258 -15.83 3.59 21.33
C ILE B 258 -16.46 2.92 20.10
N THR B 259 -16.37 3.59 18.97
CA THR B 259 -16.78 3.04 17.68
C THR B 259 -15.55 2.69 16.83
N VAL B 260 -15.69 1.68 15.99
CA VAL B 260 -14.69 1.40 14.95
C VAL B 260 -15.39 0.85 13.67
N PHE B 261 -15.36 1.67 12.60
CA PHE B 261 -16.11 1.40 11.36
C PHE B 261 -15.23 0.85 10.26
N ASP B 262 -15.32 -0.46 10.06
CA ASP B 262 -14.56 -1.17 9.01
C ASP B 262 -13.07 -0.88 9.11
N ALA B 263 -12.52 -1.07 10.31
CA ALA B 263 -11.11 -0.90 10.57
C ALA B 263 -10.42 -2.12 11.14
N ILE B 264 -11.14 -3.00 11.77
CA ILE B 264 -10.55 -4.17 12.40
C ILE B 264 -9.93 -5.24 11.56
N HIS B 265 -10.57 -5.61 10.47
CA HIS B 265 -10.04 -6.66 9.63
C HIS B 265 -8.75 -6.32 8.93
N ASP B 266 -8.47 -5.04 8.75
CA ASP B 266 -7.26 -4.66 8.08
C ASP B 266 -6.11 -4.30 8.97
N GLN B 267 -6.28 -4.51 10.27
CA GLN B 267 -5.24 -4.23 11.20
C GLN B 267 -4.20 -5.28 11.08
N ALA B 268 -3.00 -4.96 11.48
CA ALA B 268 -1.94 -5.91 11.53
C ALA B 268 -2.08 -6.83 12.74
N GLN B 269 -2.46 -6.26 13.85
CA GLN B 269 -2.59 -6.95 15.09
C GLN B 269 -3.99 -6.69 15.62
N PRO B 270 -4.98 -7.31 15.02
CA PRO B 270 -6.34 -7.07 15.45
C PRO B 270 -6.68 -7.46 16.86
N ALA B 271 -6.37 -8.66 17.30
CA ALA B 271 -6.62 -9.05 18.71
C ALA B 271 -6.08 -8.04 19.73
N ARG B 272 -4.90 -7.49 19.46
CA ARG B 272 -4.28 -6.47 20.31
C ARG B 272 -5.09 -5.19 20.35
N VAL B 273 -5.58 -4.77 19.19
CA VAL B 273 -6.43 -3.58 19.11
C VAL B 273 -7.71 -3.82 19.94
N LEU B 274 -8.29 -5.00 19.80
CA LEU B 274 -9.46 -5.38 20.60
C LEU B 274 -9.18 -5.43 22.10
N GLN B 275 -7.96 -5.84 22.51
CA GLN B 275 -7.55 -5.70 23.92
C GLN B 275 -7.41 -4.22 24.25
N ASN B 276 -6.75 -3.47 23.37
CA ASN B 276 -6.57 -2.04 23.59
C ASN B 276 -7.87 -1.24 23.69
N ILE B 277 -8.92 -1.72 23.03
CA ILE B 277 -10.25 -1.10 23.11
C ILE B 277 -10.89 -1.36 24.47
N TYR B 278 -10.87 -2.62 24.89
CA TYR B 278 -11.32 -3.01 26.22
C TYR B 278 -10.71 -2.18 27.37
N ARG B 279 -9.42 -1.91 27.29
CA ARG B 279 -8.72 -1.15 28.33
C ARG B 279 -9.12 0.32 28.37
N ALA B 280 -9.32 0.90 27.18
CA ALA B 280 -9.67 2.33 27.05
C ALA B 280 -11.13 2.66 27.44
N LEU B 281 -12.00 1.65 27.44
CA LEU B 281 -13.38 1.82 27.85
C LEU B 281 -13.43 1.87 29.36
N ARG B 282 -14.18 2.84 29.89
CA ARG B 282 -14.50 2.83 31.30
C ARG B 282 -15.51 1.69 31.53
N PRO B 283 -15.50 1.10 32.75
CA PRO B 283 -16.46 0.00 33.02
C PRO B 283 -17.91 0.43 32.79
N GLY B 284 -18.73 -0.52 32.31
CA GLY B 284 -20.07 -0.19 31.80
C GLY B 284 -20.07 0.52 30.46
N GLY B 285 -18.90 0.65 29.82
CA GLY B 285 -18.80 1.34 28.54
C GLY B 285 -19.20 0.39 27.41
N VAL B 286 -19.18 0.91 26.19
CA VAL B 286 -19.72 0.16 25.06
C VAL B 286 -18.81 0.25 23.82
N LEU B 287 -18.64 -0.89 23.16
CA LEU B 287 -17.97 -0.97 21.87
C LEU B 287 -18.97 -1.27 20.78
N LEU B 288 -18.94 -0.41 19.76
CA LEU B 288 -19.67 -0.61 18.52
C LEU B 288 -18.71 -0.81 17.37
N MET B 289 -18.54 -2.07 16.95
CA MET B 289 -17.68 -2.42 15.82
C MET B 289 -18.52 -2.80 14.58
N VAL B 290 -18.41 -2.02 13.55
CA VAL B 290 -19.10 -2.30 12.34
C VAL B 290 -18.09 -2.88 11.38
N ASP B 291 -18.29 -4.12 11.00
CA ASP B 291 -17.40 -4.79 10.11
C ASP B 291 -18.20 -5.68 9.19
N ILE B 292 -17.57 -6.09 8.14
CA ILE B 292 -18.20 -6.82 7.07
C ILE B 292 -18.96 -8.06 7.39
N LYS B 293 -20.13 -8.13 6.79
CA LYS B 293 -21.02 -9.24 6.94
C LYS B 293 -20.76 -10.36 5.99
N ALA B 294 -20.37 -11.49 6.55
CA ALA B 294 -20.07 -12.70 5.77
C ALA B 294 -19.82 -13.83 6.76
N SER B 295 -19.78 -15.06 6.29
CA SER B 295 -19.48 -16.18 7.17
C SER B 295 -17.99 -16.36 7.19
N SER B 296 -17.46 -16.79 8.33
CA SER B 296 -16.08 -17.28 8.40
C SER B 296 -15.86 -18.63 7.68
N GLN B 297 -16.96 -19.28 7.32
CA GLN B 297 -16.94 -20.51 6.53
C GLN B 297 -17.23 -20.19 5.07
N LEU B 298 -16.38 -20.73 4.20
CA LEU B 298 -16.41 -20.39 2.78
C LEU B 298 -17.67 -20.87 2.10
N GLU B 299 -17.98 -22.15 2.28
CA GLU B 299 -19.18 -22.76 1.71
C GLU B 299 -20.41 -21.89 1.89
N ASP B 300 -20.55 -21.27 3.04
CA ASP B 300 -21.70 -20.42 3.35
C ASP B 300 -21.75 -19.14 2.53
N ASN B 301 -20.64 -18.72 1.92
CA ASN B 301 -20.61 -17.50 1.10
C ASN B 301 -20.82 -17.71 -0.41
N VAL B 302 -21.03 -18.95 -0.84
CA VAL B 302 -21.13 -19.28 -2.27
C VAL B 302 -22.49 -18.86 -2.79
N GLY B 303 -22.48 -18.05 -3.85
CA GLY B 303 -23.72 -17.53 -4.44
C GLY B 303 -24.38 -16.40 -3.68
N VAL B 304 -23.68 -15.87 -2.70
CA VAL B 304 -24.18 -14.72 -1.99
C VAL B 304 -23.64 -13.51 -2.77
N PRO B 305 -24.45 -12.52 -2.95
CA PRO B 305 -24.00 -11.36 -3.67
C PRO B 305 -22.90 -10.65 -2.98
N LEU B 306 -21.90 -10.31 -3.77
CA LEU B 306 -20.75 -9.56 -3.35
C LEU B 306 -19.61 -10.30 -2.75
N SER B 307 -19.75 -11.60 -2.57
CA SER B 307 -18.70 -12.37 -2.02
C SER B 307 -17.45 -12.37 -2.88
N THR B 308 -17.60 -12.51 -4.18
CA THR B 308 -16.47 -12.52 -5.09
C THR B 308 -15.78 -11.18 -5.06
N TYR B 309 -16.55 -10.14 -4.92
CA TYR B 309 -16.02 -8.82 -4.81
C TYR B 309 -15.30 -8.68 -3.48
N LEU B 310 -15.89 -9.19 -2.44
CA LEU B 310 -15.26 -9.11 -1.11
C LEU B 310 -13.90 -9.80 -1.01
N TYR B 311 -13.84 -11.05 -1.47
CA TYR B 311 -12.58 -11.82 -1.52
C TYR B 311 -11.55 -11.16 -2.39
N THR B 312 -11.97 -10.51 -3.42
CA THR B 312 -11.05 -9.82 -4.30
C THR B 312 -10.35 -8.66 -3.67
N THR B 313 -11.14 -7.83 -3.02
CA THR B 313 -10.65 -6.67 -2.31
C THR B 313 -9.76 -7.08 -1.18
N SER B 314 -10.12 -8.14 -0.51
CA SER B 314 -9.36 -8.67 0.62
C SER B 314 -8.00 -9.13 0.13
N LEU B 315 -7.98 -9.78 -1.03
CA LEU B 315 -6.74 -10.23 -1.60
C LEU B 315 -5.90 -9.13 -2.11
N MET B 316 -6.55 -8.15 -2.69
CA MET B 316 -5.85 -7.04 -3.28
C MET B 316 -5.74 -5.83 -2.42
N HIS B 317 -6.40 -5.83 -1.28
CA HIS B 317 -6.23 -4.70 -0.38
C HIS B 317 -6.23 -4.99 1.10
N MET B 319 -6.49 -7.78 2.72
CA MET B 319 -5.62 -8.90 3.08
C MET B 319 -4.12 -8.59 3.03
N THR B 320 -3.74 -7.90 1.99
CA THR B 320 -2.34 -7.55 1.77
C THR B 320 -1.75 -6.44 2.62
N VAL B 321 -2.51 -5.38 2.91
CA VAL B 321 -1.98 -4.27 3.71
C VAL B 321 -1.63 -4.66 5.11
N SER B 322 -2.27 -5.69 5.61
CA SER B 322 -2.03 -6.25 6.93
C SER B 322 -0.73 -7.02 6.87
N LEU B 323 -0.61 -7.87 5.88
CA LEU B 323 0.54 -8.70 5.66
C LEU B 323 1.80 -7.94 5.40
N ALA B 324 1.68 -6.74 4.90
CA ALA B 324 2.81 -5.92 4.62
C ALA B 324 3.51 -5.43 5.84
N LEU B 325 2.90 -5.58 7.00
CA LEU B 325 3.49 -5.12 8.21
C LEU B 325 3.79 -6.32 9.05
N ASP B 326 3.80 -7.46 8.42
CA ASP B 326 3.91 -8.78 9.06
C ASP B 326 2.72 -8.99 9.99
N GLY B 327 1.54 -8.60 9.52
CA GLY B 327 0.32 -8.66 10.31
C GLY B 327 -0.45 -9.94 10.16
N ALA B 328 -1.62 -9.97 10.79
CA ALA B 328 -2.54 -11.08 10.82
C ALA B 328 -3.16 -11.45 9.51
N GLY B 329 -3.47 -10.47 8.70
CA GLY B 329 -4.03 -10.74 7.41
C GLY B 329 -5.28 -11.55 7.37
N LEU B 330 -6.20 -11.27 8.25
CA LEU B 330 -7.47 -11.96 8.30
C LEU B 330 -8.30 -11.65 7.08
N GLY B 331 -8.17 -10.47 6.53
CA GLY B 331 -8.91 -10.10 5.37
C GLY B 331 -10.29 -9.58 5.58
N THR B 332 -10.95 -9.21 4.51
CA THR B 332 -12.29 -8.71 4.56
C THR B 332 -13.25 -9.78 5.00
N VAL B 333 -13.01 -10.98 4.60
CA VAL B 333 -13.96 -12.04 4.88
C VAL B 333 -13.70 -12.88 6.11
N TRP B 334 -13.23 -12.26 7.14
CA TRP B 334 -12.96 -12.96 8.36
C TRP B 334 -14.24 -13.56 8.87
N GLY B 335 -15.30 -12.80 8.74
CA GLY B 335 -16.60 -13.25 9.13
C GLY B 335 -17.13 -13.02 10.50
N ARG B 336 -18.37 -13.46 10.68
CA ARG B 336 -19.12 -13.32 11.92
C ARG B 336 -18.57 -14.17 13.06
N GLN B 337 -18.31 -15.43 12.75
CA GLN B 337 -17.98 -16.42 13.76
C GLN B 337 -16.68 -16.03 14.42
N LEU B 338 -15.67 -15.79 13.60
CA LEU B 338 -14.38 -15.40 14.12
C LEU B 338 -14.49 -14.08 14.85
N ALA B 339 -15.06 -13.08 14.19
CA ALA B 339 -15.19 -11.74 14.77
C ALA B 339 -15.77 -11.76 16.20
N THR B 340 -16.82 -12.56 16.40
CA THR B 340 -17.50 -12.57 17.71
C THR B 340 -16.58 -13.20 18.77
N SER B 341 -16.15 -14.43 18.52
CA SER B 341 -15.26 -15.13 19.45
C SER B 341 -13.96 -14.34 19.76
N MET B 342 -13.48 -13.54 18.80
CA MET B 342 -12.40 -12.59 19.05
C MET B 342 -12.76 -11.40 19.96
N LEU B 343 -14.01 -10.96 19.94
CA LEU B 343 -14.51 -10.03 20.95
C LEU B 343 -14.57 -10.67 22.32
N ALA B 344 -15.00 -11.95 22.34
CA ALA B 344 -15.00 -12.77 23.56
C ALA B 344 -13.60 -12.81 24.17
N ASP B 345 -12.63 -13.23 23.34
CA ASP B 345 -11.21 -13.24 23.72
C ASP B 345 -10.68 -11.91 24.26
N ALA B 346 -11.17 -10.78 23.75
CA ALA B 346 -10.74 -9.46 24.25
C ALA B 346 -11.30 -9.05 25.62
N GLY B 347 -12.31 -9.78 26.09
CA GLY B 347 -12.97 -9.50 27.36
C GLY B 347 -14.43 -9.12 27.28
N PHE B 348 -14.98 -9.04 26.07
CA PHE B 348 -16.36 -8.64 25.91
C PHE B 348 -17.26 -9.85 26.08
N THR B 349 -17.91 -9.89 27.23
CA THR B 349 -18.78 -10.99 27.65
C THR B 349 -20.23 -10.80 27.18
N ASP B 350 -20.59 -9.58 26.79
CA ASP B 350 -21.94 -9.26 26.35
C ASP B 350 -21.84 -8.67 24.94
N VAL B 351 -22.18 -9.50 23.95
CA VAL B 351 -21.94 -9.22 22.54
C VAL B 351 -23.20 -9.58 21.75
N THR B 352 -23.72 -8.64 20.97
CA THR B 352 -24.88 -8.89 20.13
C THR B 352 -24.67 -8.31 18.77
N VAL B 353 -25.17 -8.98 17.76
CA VAL B 353 -25.00 -8.59 16.37
C VAL B 353 -26.23 -8.07 15.71
N ALA B 354 -26.12 -6.89 15.13
CA ALA B 354 -27.22 -6.25 14.50
C ALA B 354 -26.97 -5.94 13.06
N GLU B 355 -28.02 -5.65 12.33
CA GLU B 355 -27.90 -5.31 10.95
C GLU B 355 -28.88 -4.25 10.70
N ILE B 356 -28.69 -3.55 9.60
CA ILE B 356 -29.64 -2.52 9.14
C ILE B 356 -29.83 -2.55 7.62
N GLU B 357 -31.02 -2.20 7.17
CA GLU B 357 -31.34 -2.21 5.76
C GLU B 357 -30.42 -1.24 5.06
N SER B 358 -30.12 -0.14 5.74
CA SER B 358 -29.33 0.91 5.16
C SER B 358 -27.98 0.39 4.72
N ASP B 359 -27.39 -0.50 5.47
CA ASP B 359 -26.09 -1.04 5.11
C ASP B 359 -26.09 -2.53 5.01
N VAL B 360 -26.14 -3.05 3.78
CA VAL B 360 -26.13 -4.48 3.49
C VAL B 360 -24.80 -5.19 3.73
N LEU B 361 -23.73 -4.44 3.59
CA LEU B 361 -22.38 -4.93 3.77
C LEU B 361 -21.88 -5.33 5.13
N ASN B 362 -22.24 -4.55 6.12
CA ASN B 362 -21.69 -4.71 7.46
C ASN B 362 -22.65 -5.28 8.45
N ASN B 363 -22.08 -6.03 9.40
CA ASN B 363 -22.72 -6.34 10.66
C ASN B 363 -22.35 -5.25 11.67
N TYR B 364 -23.26 -5.03 12.62
CA TYR B 364 -23.10 -4.03 13.66
C TYR B 364 -23.02 -4.77 14.98
N TYR B 365 -21.79 -4.99 15.43
CA TYR B 365 -21.49 -5.75 16.64
C TYR B 365 -21.52 -4.78 17.80
N ILE B 366 -22.29 -5.11 18.83
CA ILE B 366 -22.40 -4.32 20.04
C ILE B 366 -21.79 -5.16 21.14
N ALA B 367 -20.86 -4.57 21.88
CA ALA B 367 -20.08 -5.32 22.86
C ALA B 367 -19.90 -4.46 24.07
N ARG B 368 -20.23 -5.03 25.23
CA ARG B 368 -20.31 -4.28 26.47
C ARG B 368 -19.30 -4.80 27.47
N LYS B 369 -18.79 -3.85 28.26
CA LYS B 369 -17.86 -4.09 29.36
C LYS B 369 -18.57 -3.93 30.71
N LEU B 370 -18.49 -4.94 31.58
CA LEU B 370 -19.21 -4.94 32.88
C LEU B 370 -18.77 -3.78 33.77
N GLU B 371 -19.64 -3.38 34.70
CA GLU B 371 -19.37 -2.26 35.61
C GLU B 371 -18.69 -2.71 36.91
N HIS C 20 32.34 -8.00 59.57
CA HIS C 20 31.30 -8.01 60.64
C HIS C 20 29.89 -7.92 60.06
N MET C 21 28.91 -8.35 60.85
CA MET C 21 27.49 -8.13 60.58
C MET C 21 27.16 -6.67 60.87
N GLU C 22 26.31 -6.07 60.04
CA GLU C 22 25.86 -4.68 60.22
C GLU C 22 24.95 -4.50 61.43
N THR C 23 25.22 -3.44 62.19
CA THR C 23 24.40 -3.05 63.33
C THR C 23 23.40 -1.95 62.98
N THR C 24 22.46 -1.73 63.87
CA THR C 24 21.45 -0.71 63.64
C THR C 24 22.07 0.69 63.57
N GLU C 25 23.01 0.99 64.46
CA GLU C 25 23.68 2.28 64.45
C GLU C 25 24.39 2.46 63.13
N GLU C 26 25.16 1.46 62.74
CA GLU C 26 25.90 1.50 61.50
C GLU C 26 24.97 1.77 60.32
N PHE C 27 23.94 0.96 60.18
CA PHE C 27 22.96 1.10 59.11
C PHE C 27 22.33 2.50 59.08
N GLY C 28 21.89 2.94 60.26
CA GLY C 28 21.42 4.30 60.48
C GLY C 28 22.34 5.31 59.83
N ASN C 29 23.63 5.25 60.16
CA ASN C 29 24.59 6.19 59.60
C ASN C 29 24.73 6.05 58.10
N ARG C 30 24.77 4.80 57.64
CA ARG C 30 24.82 4.52 56.20
C ARG C 30 23.68 5.22 55.48
N PHE C 31 22.48 5.05 56.02
CA PHE C 31 21.30 5.58 55.35
C PHE C 31 21.12 7.09 55.52
N VAL C 32 21.51 7.63 56.67
CA VAL C 32 21.60 9.07 56.81
C VAL C 32 22.60 9.62 55.78
N ALA C 33 23.71 8.92 55.57
CA ALA C 33 24.70 9.41 54.63
C ALA C 33 24.13 9.33 53.23
N ALA C 34 23.31 8.30 53.00
CA ALA C 34 22.50 8.21 51.77
C ALA C 34 21.67 9.47 51.55
N ILE C 35 20.95 9.88 52.60
CA ILE C 35 20.13 11.09 52.54
C ILE C 35 21.02 12.28 52.17
N ASP C 36 22.10 12.53 52.90
CA ASP C 36 23.00 13.62 52.52
C ASP C 36 23.46 13.54 51.07
N SER C 37 23.76 12.34 50.61
CA SER C 37 24.16 12.12 49.22
C SER C 37 23.05 12.39 48.18
N ALA C 38 21.82 11.95 48.49
CA ALA C 38 20.69 12.28 47.65
C ALA C 38 20.54 13.80 47.45
N GLY C 39 20.69 14.56 48.54
CA GLY C 39 20.74 16.00 48.51
C GLY C 39 21.92 16.56 47.72
N LEU C 40 23.10 16.02 47.95
CA LEU C 40 24.28 16.45 47.19
C LEU C 40 24.06 16.31 45.68
N ALA C 41 23.45 15.20 45.26
CA ALA C 41 23.15 14.96 43.85
C ALA C 41 22.26 16.05 43.26
N ILE C 42 21.23 16.45 44.01
CA ILE C 42 20.34 17.54 43.59
C ILE C 42 21.10 18.84 43.50
N LEU C 43 21.91 19.16 44.49
CA LEU C 43 22.77 20.34 44.42
C LEU C 43 23.61 20.33 43.17
N VAL C 44 24.15 19.17 42.82
CA VAL C 44 24.98 19.06 41.62
C VAL C 44 24.22 19.23 40.30
N SER C 45 23.00 18.70 40.26
CA SER C 45 22.08 18.92 39.14
C SER C 45 21.85 20.43 38.95
N VAL C 46 21.70 21.15 40.03
CA VAL C 46 21.51 22.59 40.00
C VAL C 46 22.77 23.29 39.55
N GLY C 47 23.91 22.78 40.03
CA GLY C 47 25.21 23.30 39.62
C GLY C 47 25.44 23.23 38.13
N HIS C 48 24.90 22.17 37.53
CA HIS C 48 24.99 21.97 36.09
C HIS C 48 24.14 23.01 35.39
N GLN C 49 22.86 23.03 35.75
CA GLN C 49 21.86 23.81 35.03
C GLN C 49 22.03 25.32 35.20
N THR C 50 22.64 25.77 36.27
CA THR C 50 22.96 27.18 36.43
C THR C 50 24.39 27.55 35.96
N GLY C 51 25.16 26.53 35.62
CA GLY C 51 26.54 26.70 35.21
C GLY C 51 27.44 27.28 36.27
N LEU C 52 27.08 27.07 37.52
CA LEU C 52 27.93 27.50 38.64
C LEU C 52 29.18 26.64 38.67
N LEU C 53 29.01 25.37 38.35
CA LEU C 53 30.12 24.44 38.21
C LEU C 53 31.08 24.97 37.15
N ASP C 54 30.55 25.17 35.95
CA ASP C 54 31.31 25.79 34.90
C ASP C 54 31.99 27.07 35.38
N THR C 55 31.25 27.97 36.01
CA THR C 55 31.81 29.27 36.43
C THR C 55 32.99 29.08 37.38
N MET C 56 32.76 28.33 38.44
CA MET C 56 33.78 28.12 39.47
C MET C 56 35.05 27.49 38.92
N ALA C 57 34.88 26.59 37.95
CA ALA C 57 36.01 25.91 37.29
C ALA C 57 36.97 26.89 36.62
N GLY C 58 36.43 27.96 36.05
CA GLY C 58 37.24 29.05 35.51
C GLY C 58 37.62 30.14 36.50
N LEU C 59 37.63 29.86 37.81
CA LEU C 59 37.87 30.90 38.83
C LEU C 59 38.88 30.51 39.93
N PRO C 60 39.43 31.47 40.62
CA PRO C 60 40.27 31.15 41.74
C PRO C 60 39.44 31.16 42.98
N PRO C 61 40.01 31.09 44.16
CA PRO C 61 39.18 31.16 45.34
C PRO C 61 38.48 32.49 45.36
N ALA C 62 37.21 32.50 45.65
CA ALA C 62 36.47 33.72 45.66
C ALA C 62 35.38 33.64 46.65
N THR C 63 34.79 34.76 46.95
CA THR C 63 33.69 34.86 47.88
C THR C 63 32.39 34.47 47.17
N SER C 64 31.34 34.25 47.97
CA SER C 64 29.99 34.01 47.48
C SER C 64 29.60 35.11 46.49
N MET C 65 29.74 36.36 46.90
CA MET C 65 29.40 37.49 46.05
C MET C 65 30.18 37.44 44.74
N GLU C 66 31.50 37.26 44.85
CA GLU C 66 32.37 37.18 43.67
C GLU C 66 31.92 36.08 42.69
N ILE C 67 31.66 34.88 43.22
CA ILE C 67 31.21 33.73 42.43
C ILE C 67 29.87 34.00 41.75
N ALA C 68 28.92 34.51 42.54
CA ALA C 68 27.61 34.86 42.02
C ALA C 68 27.67 35.98 40.99
N GLU C 69 28.59 36.92 41.16
CA GLU C 69 28.76 38.02 40.24
C GLU C 69 29.21 37.47 38.90
N ALA C 70 30.27 36.68 38.94
CA ALA C 70 30.82 36.01 37.74
C ALA C 70 29.84 35.08 37.05
N ALA C 71 29.12 34.28 37.83
CA ALA C 71 28.10 33.39 37.29
C ALA C 71 26.87 34.11 36.79
N GLY C 72 26.68 35.38 37.21
CA GLY C 72 25.52 36.19 36.81
C GLY C 72 24.21 35.69 37.43
N LEU C 73 24.22 35.50 38.75
CA LEU C 73 23.08 34.89 39.47
C LEU C 73 22.83 35.58 40.82
N GLU C 74 21.67 35.27 41.42
CA GLU C 74 21.32 35.76 42.75
C GLU C 74 22.23 35.19 43.86
N GLU C 75 22.98 36.09 44.53
CA GLU C 75 23.99 35.73 45.54
C GLU C 75 23.45 34.89 46.70
N ARG C 76 22.22 35.19 47.11
CA ARG C 76 21.60 34.44 48.21
C ARG C 76 21.35 32.96 47.87
N TYR C 77 20.90 32.67 46.64
CA TYR C 77 20.74 31.29 46.21
C TYR C 77 22.10 30.56 46.08
N VAL C 78 23.05 31.30 45.53
CA VAL C 78 24.41 30.84 45.33
C VAL C 78 25.02 30.53 46.69
N ARG C 79 24.74 31.34 47.68
CA ARG C 79 25.24 31.10 49.00
C ARG C 79 24.82 29.81 49.63
N GLU C 80 23.55 29.51 49.56
CA GLU C 80 23.05 28.31 50.18
C GLU C 80 23.49 27.13 49.37
N TRP C 81 23.69 27.29 48.08
CA TRP C 81 24.16 26.20 47.28
C TRP C 81 25.56 25.95 47.69
N LEU C 82 26.33 26.99 47.85
CA LEU C 82 27.73 26.86 48.28
C LEU C 82 27.92 26.09 49.61
N GLY C 83 27.06 26.38 50.57
CA GLY C 83 27.08 25.64 51.81
C GLY C 83 26.95 24.15 51.58
N GLY C 84 25.82 23.73 51.04
CA GLY C 84 25.56 22.33 50.74
C GLY C 84 26.67 21.64 49.95
N MET C 85 27.20 22.32 48.94
CA MET C 85 28.29 21.79 48.16
C MET C 85 29.54 21.74 49.00
N THR C 86 29.68 22.63 49.98
CA THR C 86 30.80 22.59 50.92
C THR C 86 30.68 21.41 51.94
N THR C 87 29.52 21.27 52.55
CA THR C 87 29.28 20.11 53.41
C THR C 87 29.27 18.75 52.66
N GLY C 88 29.08 18.76 51.34
CA GLY C 88 29.12 17.54 50.51
C GLY C 88 30.52 17.09 50.06
N GLN C 89 31.51 17.78 50.56
CA GLN C 89 32.90 17.54 50.25
C GLN C 89 33.11 17.57 48.79
N ILE C 90 32.73 18.68 48.19
CA ILE C 90 32.85 18.90 46.76
C ILE C 90 33.50 20.25 46.60
N VAL C 91 32.92 21.24 47.27
CA VAL C 91 33.41 22.60 47.26
C VAL C 91 34.23 22.79 48.53
N GLU C 92 35.33 23.52 48.41
CA GLU C 92 36.19 23.76 49.52
C GLU C 92 35.97 25.16 50.01
N TYR C 93 35.83 25.33 51.30
CA TYR C 93 35.58 26.66 51.91
C TYR C 93 36.69 27.04 52.88
N ASP C 94 37.24 28.24 52.70
CA ASP C 94 38.24 28.72 53.62
C ASP C 94 37.59 29.78 54.47
N ALA C 95 37.53 29.50 55.77
CA ALA C 95 36.82 30.34 56.71
C ALA C 95 37.59 31.60 56.96
N GLY C 96 38.91 31.49 57.01
CA GLY C 96 39.79 32.64 57.22
C GLY C 96 39.50 33.78 56.28
N SER C 97 39.23 33.48 55.01
CA SER C 97 39.00 34.48 53.97
C SER C 97 37.56 34.55 53.43
N SER C 98 36.69 33.65 53.90
CA SER C 98 35.31 33.52 53.40
C SER C 98 35.27 33.28 51.89
N THR C 99 36.23 32.49 51.40
CA THR C 99 36.33 32.15 50.00
C THR C 99 36.03 30.67 49.77
N TYR C 100 35.52 30.34 48.61
CA TYR C 100 35.24 28.97 48.24
C TYR C 100 36.02 28.55 47.04
N SER C 101 36.15 27.24 46.82
CA SER C 101 36.92 26.78 45.66
C SER C 101 36.54 25.40 45.17
N LEU C 102 36.72 25.18 43.88
CA LEU C 102 36.41 23.92 43.26
C LEU C 102 37.66 23.20 42.79
N PRO C 103 38.09 22.17 43.51
CA PRO C 103 39.28 21.42 43.10
C PRO C 103 39.16 20.92 41.68
N ALA C 104 40.30 20.98 40.99
CA ALA C 104 40.39 20.65 39.58
C ALA C 104 40.00 19.22 39.32
N HIS C 105 40.46 18.27 40.12
CA HIS C 105 40.19 16.84 39.86
C HIS C 105 38.68 16.54 39.89
N ARG C 106 37.99 17.31 40.73
CA ARG C 106 36.54 17.30 40.78
C ARG C 106 35.95 18.05 39.62
N ALA C 107 36.41 19.28 39.36
CA ALA C 107 35.89 20.10 38.24
C ALA C 107 35.81 19.33 36.93
N GLY C 108 36.85 18.56 36.68
CA GLY C 108 36.94 17.75 35.47
C GLY C 108 35.90 16.66 35.27
N MET C 109 35.06 16.44 36.25
CA MET C 109 34.03 15.48 36.13
C MET C 109 32.66 16.04 36.27
N LEU C 110 32.55 17.35 36.40
CA LEU C 110 31.28 17.95 36.60
C LEU C 110 31.08 19.15 35.78
N THR C 111 31.89 19.36 34.77
CA THR C 111 31.74 20.53 33.97
C THR C 111 31.51 20.16 32.52
N ARG C 112 31.04 21.12 31.76
CA ARG C 112 30.76 20.94 30.36
C ARG C 112 31.99 20.56 29.57
N ALA C 113 33.12 21.12 29.93
CA ALA C 113 34.34 20.84 29.25
C ALA C 113 34.67 19.39 29.34
N ALA C 114 34.16 18.71 30.35
CA ALA C 114 34.40 17.30 30.50
C ALA C 114 33.70 16.55 29.42
N GLY C 115 32.74 17.19 28.79
CA GLY C 115 32.01 16.53 27.76
C GLY C 115 31.22 15.40 28.30
N PRO C 116 31.59 14.13 27.91
CA PRO C 116 30.75 13.06 28.40
C PRO C 116 31.30 12.42 29.63
N ASP C 117 32.33 12.99 30.19
CA ASP C 117 32.89 12.43 31.40
C ASP C 117 32.30 13.21 32.56
N ASN C 118 31.36 14.08 32.23
CA ASN C 118 30.67 14.93 33.15
C ASN C 118 29.50 14.20 33.74
N LEU C 119 29.60 13.99 35.03
CA LEU C 119 28.59 13.32 35.83
C LEU C 119 27.51 14.22 36.41
N ALA C 120 27.71 15.54 36.38
CA ALA C 120 26.66 16.48 36.76
C ALA C 120 25.43 16.36 35.86
N VAL C 121 25.61 15.80 34.67
CA VAL C 121 24.51 15.52 33.77
C VAL C 121 23.64 14.38 34.31
N ILE C 122 24.27 13.27 34.68
CA ILE C 122 23.49 12.14 35.21
C ILE C 122 22.83 12.46 36.58
N ALA C 123 23.33 13.49 37.26
CA ALA C 123 22.68 14.02 38.49
C ALA C 123 21.29 14.66 38.31
N GLN C 124 21.01 15.20 37.11
CA GLN C 124 19.68 15.69 36.77
C GLN C 124 18.56 14.66 36.92
N PHE C 125 18.91 13.39 36.72
CA PHE C 125 17.94 12.33 36.64
C PHE C 125 17.32 11.98 37.98
N VAL C 126 17.82 12.55 39.02
CA VAL C 126 17.27 12.31 40.31
C VAL C 126 15.98 13.06 40.42
N SER C 127 16.03 14.36 40.11
CA SER C 127 14.85 15.22 40.20
C SER C 127 13.81 14.93 39.12
N LEU C 128 14.24 14.30 38.03
CA LEU C 128 13.35 13.98 36.96
C LEU C 128 12.52 12.83 37.40
N LEU C 129 13.10 11.92 38.14
CA LEU C 129 12.38 10.80 38.72
C LEU C 129 11.58 11.24 39.93
N GLY C 130 12.19 12.10 40.75
CA GLY C 130 11.46 12.73 41.85
C GLY C 130 10.15 13.37 41.42
N GLU C 131 10.20 14.04 40.26
CA GLU C 131 9.00 14.62 39.63
C GLU C 131 7.83 13.62 39.42
N VAL C 132 8.13 12.32 39.31
CA VAL C 132 7.08 11.32 39.02
C VAL C 132 6.84 10.31 40.13
N GLU C 133 7.45 10.51 41.30
CA GLU C 133 7.34 9.52 42.39
C GLU C 133 5.88 9.09 42.60
N GLN C 134 5.00 10.08 42.69
CA GLN C 134 3.62 9.83 43.08
C GLN C 134 2.84 9.07 42.02
N LYS C 135 2.95 9.49 40.76
CA LYS C 135 2.38 8.77 39.61
C LYS C 135 2.80 7.31 39.58
N VAL C 136 4.08 7.08 39.84
CA VAL C 136 4.62 5.75 39.81
C VAL C 136 4.06 4.94 40.98
N ILE C 137 3.97 5.58 42.14
CA ILE C 137 3.43 4.96 43.34
C ILE C 137 1.99 4.52 43.11
N ARG C 138 1.24 5.34 42.40
CA ARG C 138 -0.14 5.07 42.10
C ARG C 138 -0.24 3.80 41.29
N CYS C 139 0.69 3.62 40.37
CA CYS C 139 0.72 2.43 39.54
C CYS C 139 1.00 1.15 40.31
N PHE C 140 1.67 1.23 41.45
CA PHE C 140 1.84 0.05 42.31
C PHE C 140 0.51 -0.61 42.67
N ARG C 141 -0.52 0.22 42.90
CA ARG C 141 -1.84 -0.24 43.34
C ARG C 141 -2.75 -0.44 42.14
N GLU C 142 -2.87 0.61 41.35
CA GLU C 142 -3.77 0.61 40.20
C GLU C 142 -3.28 -0.13 38.96
N GLY C 143 -1.96 -0.31 38.80
CA GLY C 143 -1.38 -0.95 37.62
C GLY C 143 -1.18 0.08 36.53
N GLY C 144 -1.18 -0.40 35.29
CA GLY C 144 -0.99 0.49 34.17
C GLY C 144 0.44 0.97 34.13
N GLY C 145 0.65 2.25 33.85
CA GLY C 145 2.00 2.84 33.83
C GLY C 145 1.98 4.33 33.56
N VAL C 146 3.14 4.98 33.62
CA VAL C 146 3.24 6.41 33.32
C VAL C 146 3.72 6.62 31.88
N PRO C 147 2.95 7.30 31.06
CA PRO C 147 3.27 7.55 29.66
C PRO C 147 4.44 8.46 29.34
N TYR C 148 5.09 8.03 28.30
CA TYR C 148 6.26 8.63 27.80
C TYR C 148 5.99 10.10 27.65
N SER C 149 4.78 10.46 27.39
CA SER C 149 4.41 11.86 27.21
C SER C 149 4.65 12.71 28.43
N GLU C 150 4.69 12.11 29.59
CA GLU C 150 4.85 12.83 30.81
C GLU C 150 6.27 13.09 31.17
N TYR C 151 7.20 12.73 30.30
CA TYR C 151 8.59 12.89 30.60
C TYR C 151 9.34 13.70 29.55
N PRO C 152 8.88 14.90 29.30
CA PRO C 152 9.53 15.73 28.29
C PRO C 152 10.94 16.17 28.62
N ARG C 153 11.14 16.68 29.82
CA ARG C 153 12.45 17.19 30.17
C ARG C 153 13.49 16.06 30.08
N PHE C 154 13.08 14.87 30.48
CA PHE C 154 13.90 13.63 30.49
C PHE C 154 14.49 13.26 29.13
N HIS C 155 13.61 13.13 28.16
CA HIS C 155 13.98 12.67 26.83
C HIS C 155 14.91 13.63 26.10
N LYS C 156 14.63 14.92 26.26
CA LYS C 156 15.55 15.99 25.82
C LYS C 156 16.93 15.89 26.46
N LEU C 157 17.00 15.37 27.68
CA LEU C 157 18.27 15.26 28.34
C LEU C 157 19.01 13.98 27.98
N MET C 158 18.31 12.86 27.85
CA MET C 158 18.93 11.67 27.27
C MET C 158 19.54 11.92 25.89
N ALA C 159 18.83 12.66 25.06
CA ALA C 159 19.28 12.96 23.71
C ALA C 159 20.52 13.84 23.66
N GLU C 160 20.63 14.82 24.56
CA GLU C 160 21.87 15.59 24.68
C GLU C 160 22.99 14.69 25.22
N MET C 161 22.72 13.96 26.31
CA MET C 161 23.69 13.00 26.89
C MET C 161 24.29 12.09 25.81
N SER C 162 23.42 11.41 25.06
CA SER C 162 23.86 10.44 24.06
C SER C 162 24.38 11.09 22.78
N GLY C 163 23.84 12.26 22.43
CA GLY C 163 24.31 13.03 21.27
C GLY C 163 25.76 13.53 21.36
N MET C 164 26.31 13.60 22.58
CA MET C 164 27.73 13.91 22.81
C MET C 164 28.60 12.68 22.71
N VAL C 165 28.17 11.56 23.31
CA VAL C 165 28.90 10.27 23.20
C VAL C 165 28.99 9.72 21.77
N PHE C 166 28.00 9.99 20.92
CA PHE C 166 28.16 9.65 19.51
C PHE C 166 29.32 10.43 18.91
N ASP C 167 29.42 11.72 19.22
CA ASP C 167 30.54 12.56 18.75
C ASP C 167 31.88 12.00 19.17
N ALA C 168 32.03 11.71 20.45
CA ALA C 168 33.27 11.18 20.99
C ALA C 168 33.70 9.87 20.33
N ALA C 169 32.75 8.98 20.04
CA ALA C 169 33.10 7.59 19.77
C ALA C 169 32.42 6.85 18.62
N LEU C 170 31.40 7.41 17.98
CA LEU C 170 30.59 6.59 17.08
C LEU C 170 31.38 6.09 15.87
N ILE C 171 32.07 7.01 15.21
CA ILE C 171 32.75 6.69 13.96
C ILE C 171 34.00 5.91 14.30
N ASP C 172 34.81 6.48 15.20
CA ASP C 172 36.16 5.95 15.49
C ASP C 172 36.20 4.63 16.24
N VAL C 173 35.34 4.46 17.24
CA VAL C 173 35.46 3.33 18.15
C VAL C 173 34.36 2.32 17.95
N VAL C 174 33.13 2.80 17.83
CA VAL C 174 31.93 1.94 17.90
C VAL C 174 31.77 1.06 16.67
N LEU C 175 31.63 1.67 15.50
CA LEU C 175 31.37 0.94 14.24
C LEU C 175 32.46 -0.05 13.86
N PRO C 176 33.74 0.30 14.10
CA PRO C 176 34.78 -0.69 13.92
C PRO C 176 34.59 -2.01 14.70
N LEU C 177 33.87 -2.00 15.82
CA LEU C 177 33.59 -3.23 16.57
C LEU C 177 32.95 -4.26 15.66
N VAL C 178 32.17 -3.81 14.68
CA VAL C 178 31.61 -4.73 13.69
C VAL C 178 32.70 -5.06 12.69
N ASP C 179 33.13 -6.32 12.72
CA ASP C 179 34.14 -6.83 11.82
C ASP C 179 33.72 -6.53 10.37
N GLY C 180 34.55 -5.77 9.67
CA GLY C 180 34.37 -5.51 8.24
C GLY C 180 33.38 -4.42 7.86
N LEU C 181 32.85 -3.71 8.86
CA LEU C 181 31.75 -2.78 8.64
C LEU C 181 32.16 -1.46 7.96
N PRO C 182 33.10 -0.67 8.56
CA PRO C 182 33.57 0.57 7.91
C PRO C 182 33.86 0.47 6.40
N ASP C 183 34.48 -0.64 6.00
CA ASP C 183 34.68 -0.96 4.60
C ASP C 183 33.36 -1.19 3.89
N ARG C 184 32.47 -2.03 4.43
CA ARG C 184 31.16 -2.22 3.79
C ARG C 184 30.40 -0.90 3.62
N LEU C 185 30.58 0.03 4.57
CA LEU C 185 29.99 1.37 4.50
C LEU C 185 30.67 2.30 3.51
N ARG C 186 32.00 2.18 3.36
CA ARG C 186 32.73 2.94 2.33
C ARG C 186 32.47 2.42 0.92
N SER C 187 32.27 1.11 0.79
CA SER C 187 31.89 0.46 -0.48
C SER C 187 30.52 0.84 -0.96
N GLY C 188 29.67 1.11 0.02
CA GLY C 188 28.27 1.44 -0.15
C GLY C 188 27.30 0.37 0.29
N ALA C 189 26.35 0.76 1.10
CA ALA C 189 25.29 -0.13 1.58
C ALA C 189 24.14 0.68 2.04
N ASP C 190 22.99 0.05 2.20
CA ASP C 190 21.81 0.75 2.73
C ASP C 190 21.65 0.52 4.24
N VAL C 191 21.70 1.61 4.98
CA VAL C 191 21.72 1.61 6.43
C VAL C 191 20.43 2.22 6.97
N ALA C 192 20.04 1.80 8.18
CA ALA C 192 18.90 2.42 8.90
C ALA C 192 19.20 2.48 10.37
N ASP C 193 18.92 3.64 10.98
CA ASP C 193 19.01 3.80 12.43
C ASP C 193 17.60 3.84 12.99
N PHE C 194 17.25 2.79 13.70
CA PHE C 194 15.94 2.64 14.33
C PHE C 194 16.00 3.38 15.67
N GLY C 195 14.96 4.17 15.95
CA GLY C 195 14.91 5.00 17.15
C GLY C 195 15.95 6.09 17.09
N CYS C 196 15.99 6.79 15.96
CA CYS C 196 17.08 7.73 15.70
C CYS C 196 16.98 9.04 16.44
N GLY C 197 15.81 9.37 16.97
CA GLY C 197 15.61 10.60 17.72
C GLY C 197 15.91 11.83 16.87
N SER C 198 16.59 12.83 17.41
CA SER C 198 16.84 14.05 16.65
C SER C 198 17.48 13.65 15.33
N GLY C 199 18.35 12.65 15.41
CA GLY C 199 19.06 12.10 14.27
C GLY C 199 20.55 12.33 14.22
N ARG C 200 21.17 12.54 15.36
CA ARG C 200 22.60 12.83 15.39
C ARG C 200 23.47 11.76 14.83
N ALA C 201 23.19 10.51 15.11
CA ALA C 201 24.02 9.44 14.59
C ALA C 201 23.97 9.36 13.10
N VAL C 202 22.80 9.48 12.53
CA VAL C 202 22.69 9.37 11.09
C VAL C 202 23.43 10.52 10.38
N LYS C 203 23.54 11.70 11.01
CA LYS C 203 24.31 12.85 10.46
C LYS C 203 25.78 12.46 10.36
N LEU C 204 26.34 12.12 11.53
CA LEU C 204 27.73 11.73 11.65
C LEU C 204 28.13 10.58 10.72
N MET C 205 27.26 9.59 10.56
CA MET C 205 27.58 8.45 9.71
C MET C 205 27.52 8.77 8.22
N ALA C 206 26.52 9.53 7.80
CA ALA C 206 26.46 10.02 6.40
C ALA C 206 27.66 10.89 6.03
N GLN C 207 27.97 11.89 6.88
CA GLN C 207 29.21 12.68 6.76
C GLN C 207 30.43 11.79 6.52
N ALA C 208 30.52 10.74 7.31
CA ALA C 208 31.57 9.76 7.20
C ALA C 208 31.50 8.86 6.01
N PHE C 209 30.33 8.42 5.58
CA PHE C 209 30.27 7.52 4.41
C PHE C 209 29.37 7.95 3.25
N GLY C 210 29.91 8.68 2.29
CA GLY C 210 29.11 9.14 1.18
C GLY C 210 28.50 8.05 0.34
N ALA C 211 29.25 6.99 0.17
CA ALA C 211 28.87 5.84 -0.69
C ALA C 211 27.63 5.09 -0.21
N SER C 212 27.43 5.14 1.10
CA SER C 212 26.31 4.51 1.78
C SER C 212 25.09 5.43 1.86
N ARG C 213 23.94 4.84 2.08
CA ARG C 213 22.70 5.56 2.18
C ARG C 213 22.11 5.29 3.56
N PHE C 214 21.83 6.32 4.33
CA PHE C 214 21.28 6.18 5.67
C PHE C 214 19.88 6.70 5.93
N THR C 215 19.03 5.92 6.56
CA THR C 215 17.68 6.37 6.86
C THR C 215 17.41 6.39 8.36
N GLY C 216 16.94 7.51 8.89
CA GLY C 216 16.64 7.61 10.30
C GLY C 216 15.18 7.30 10.54
N ILE C 217 14.85 6.61 11.62
CA ILE C 217 13.44 6.26 11.89
C ILE C 217 13.08 6.52 13.35
N ASP C 218 12.10 7.36 13.59
CA ASP C 218 11.66 7.72 14.92
C ASP C 218 10.15 7.85 14.99
N PHE C 219 9.60 7.83 16.18
CA PHE C 219 8.17 8.00 16.36
C PHE C 219 7.64 9.41 16.08
N SER C 220 8.41 10.39 16.56
CA SER C 220 8.04 11.80 16.47
C SER C 220 8.13 12.49 15.12
N ASP C 221 7.20 13.42 14.92
CA ASP C 221 7.15 14.28 13.72
C ASP C 221 8.15 15.44 13.79
N GLU C 222 8.38 15.94 15.01
CA GLU C 222 9.32 17.04 15.23
C GLU C 222 10.78 16.60 15.07
N ALA C 223 11.06 15.39 15.56
CA ALA C 223 12.37 14.74 15.40
C ALA C 223 12.74 14.57 13.93
N VAL C 224 11.79 14.07 13.16
CA VAL C 224 11.97 13.80 11.72
C VAL C 224 12.19 15.07 10.90
N ALA C 225 11.41 16.09 11.13
CA ALA C 225 11.60 17.30 10.40
C ALA C 225 12.95 17.89 10.70
N ALA C 226 13.29 17.90 11.97
CA ALA C 226 14.54 18.49 12.38
C ALA C 226 15.70 17.79 11.74
N GLY C 227 15.69 16.48 11.83
CA GLY C 227 16.73 15.67 11.26
C GLY C 227 16.67 15.85 9.79
N THR C 228 15.47 16.00 9.24
CA THR C 228 15.33 16.19 7.82
C THR C 228 15.96 17.51 7.48
N GLU C 229 15.66 18.52 8.28
CA GLU C 229 16.17 19.88 8.06
C GLU C 229 17.70 19.97 8.13
N GLU C 230 18.29 19.27 9.10
CA GLU C 230 19.73 19.29 9.27
C GLU C 230 20.46 18.74 8.05
N ALA C 231 19.92 17.68 7.47
CA ALA C 231 20.52 17.04 6.29
C ALA C 231 20.63 18.00 5.13
N ALA C 232 19.56 18.77 4.87
CA ALA C 232 19.62 19.88 3.92
C ALA C 232 20.64 20.92 4.38
N ARG C 233 20.57 21.33 5.65
CA ARG C 233 21.47 22.35 6.21
C ARG C 233 22.96 22.01 6.04
N LEU C 234 23.31 20.72 6.10
CA LEU C 234 24.71 20.28 5.94
C LEU C 234 24.98 19.60 4.59
N GLY C 235 23.96 19.49 3.74
CA GLY C 235 24.14 19.09 2.35
C GLY C 235 24.41 17.61 2.20
N LEU C 236 23.54 16.81 2.80
CA LEU C 236 23.68 15.35 2.81
C LEU C 236 22.54 14.72 2.04
N ALA C 237 22.76 14.51 0.74
CA ALA C 237 21.77 13.84 -0.14
C ALA C 237 21.50 12.35 0.20
N ASN C 238 22.47 11.70 0.85
CA ASN C 238 22.35 10.28 1.29
C ASN C 238 21.61 10.03 2.64
N ALA C 239 21.27 11.09 3.37
CA ALA C 239 20.56 10.93 4.65
C ALA C 239 19.06 11.27 4.54
N THR C 240 18.21 10.35 5.00
CA THR C 240 16.75 10.52 4.97
C THR C 240 16.08 10.09 6.28
N PHE C 241 14.88 10.62 6.55
CA PHE C 241 14.15 10.28 7.76
C PHE C 241 12.71 9.91 7.53
N GLU C 242 12.16 9.06 8.37
CA GLU C 242 10.77 8.67 8.25
C GLU C 242 10.15 8.47 9.61
N ARG C 243 8.87 8.80 9.80
CA ARG C 243 8.14 8.53 11.05
C ARG C 243 7.48 7.15 10.97
N HIS C 244 7.84 6.27 11.90
CA HIS C 244 7.23 4.95 12.04
C HIS C 244 7.24 4.51 13.50
N ASP C 245 6.46 3.48 13.79
CA ASP C 245 6.50 2.79 15.06
C ASP C 245 7.22 1.51 14.76
N LEU C 246 8.28 1.23 15.51
CA LEU C 246 9.19 0.12 15.21
C LEU C 246 8.55 -1.23 15.28
N ALA C 247 7.45 -1.32 16.02
CA ALA C 247 6.67 -2.55 16.09
C ALA C 247 5.79 -2.80 14.86
N GLU C 248 5.50 -1.73 14.12
CA GLU C 248 4.68 -1.79 12.91
C GLU C 248 5.48 -1.25 11.71
N LEU C 249 6.17 -2.16 11.01
CA LEU C 249 6.97 -1.80 9.81
C LEU C 249 6.67 -2.68 8.59
N ASP C 250 6.90 -2.13 7.40
CA ASP C 250 6.67 -2.87 6.15
C ASP C 250 7.92 -3.33 5.42
N LYS C 251 9.07 -2.99 5.95
CA LYS C 251 10.32 -3.27 5.33
C LYS C 251 10.73 -4.69 5.28
N VAL C 252 11.03 -5.16 4.08
CA VAL C 252 11.52 -6.51 3.86
C VAL C 252 12.75 -6.40 2.98
N GLY C 253 13.88 -6.95 3.44
CA GLY C 253 15.09 -6.91 2.65
C GLY C 253 15.40 -5.54 2.23
N ALA C 254 15.17 -4.59 3.09
CA ALA C 254 15.36 -3.19 2.78
C ALA C 254 16.74 -2.64 3.14
N TYR C 255 17.47 -3.35 4.01
CA TYR C 255 18.70 -2.82 4.59
C TYR C 255 19.83 -3.87 4.75
N ASP C 256 21.06 -3.41 4.54
CA ASP C 256 22.29 -4.17 4.85
C ASP C 256 22.69 -4.06 6.31
N VAL C 257 22.47 -2.87 6.87
CA VAL C 257 22.86 -2.52 8.23
C VAL C 257 21.72 -1.77 8.96
N ILE C 258 21.42 -2.19 10.18
CA ILE C 258 20.50 -1.50 11.07
C ILE C 258 21.21 -1.25 12.39
N THR C 259 21.11 -0.03 12.91
CA THR C 259 21.70 0.31 14.22
C THR C 259 20.60 0.71 15.17
N VAL C 260 20.77 0.37 16.45
CA VAL C 260 19.77 0.64 17.47
C VAL C 260 20.48 1.03 18.76
N PHE C 261 20.26 2.25 19.24
CA PHE C 261 20.94 2.68 20.43
C PHE C 261 20.03 2.91 21.60
N ASP C 262 20.09 2.03 22.57
CA ASP C 262 19.30 2.14 23.78
C ASP C 262 17.80 2.32 23.55
N ALA C 263 17.25 1.73 22.51
CA ALA C 263 15.85 1.89 22.22
C ALA C 263 14.94 0.68 22.26
N ILE C 264 15.45 -0.45 22.75
CA ILE C 264 14.66 -1.69 22.78
C ILE C 264 13.96 -2.08 24.09
N HIS C 265 14.55 -1.74 25.23
CA HIS C 265 13.95 -2.11 26.51
C HIS C 265 12.69 -1.37 26.84
N ASP C 266 12.66 -0.10 26.52
CA ASP C 266 11.48 0.72 26.78
C ASP C 266 10.41 0.62 25.67
N GLN C 267 10.43 -0.48 24.90
CA GLN C 267 9.39 -0.79 23.89
C GLN C 267 8.22 -1.56 24.46
N ALA C 268 7.12 -1.48 23.76
CA ALA C 268 5.91 -2.16 24.18
C ALA C 268 5.93 -3.62 23.72
N GLN C 269 6.46 -3.85 22.52
CA GLN C 269 6.57 -5.20 21.94
C GLN C 269 7.98 -5.41 21.44
N PRO C 270 8.97 -5.53 22.34
CA PRO C 270 10.34 -5.63 21.86
C PRO C 270 10.55 -6.84 20.93
N ALA C 271 10.00 -8.00 21.26
CA ALA C 271 10.14 -9.17 20.40
C ALA C 271 9.65 -8.90 18.98
N ARG C 272 8.51 -8.22 18.86
CA ARG C 272 8.03 -7.81 17.54
C ARG C 272 8.98 -6.84 16.80
N VAL C 273 9.58 -5.90 17.52
CA VAL C 273 10.56 -4.96 16.95
C VAL C 273 11.77 -5.71 16.39
N LEU C 274 12.22 -6.74 17.11
CA LEU C 274 13.39 -7.50 16.69
C LEU C 274 13.05 -8.39 15.51
N GLN C 275 11.82 -8.90 15.48
CA GLN C 275 11.33 -9.71 14.35
C GLN C 275 11.28 -8.89 13.07
N ASN C 276 10.81 -7.64 13.21
CA ASN C 276 10.79 -6.66 12.13
C ASN C 276 12.16 -6.33 11.63
N ILE C 277 13.12 -6.20 12.52
CA ILE C 277 14.52 -5.99 12.10
C ILE C 277 15.08 -7.17 11.27
N TYR C 278 14.87 -8.40 11.72
CA TYR C 278 15.28 -9.58 10.95
C TYR C 278 14.62 -9.59 9.58
N ARG C 279 13.36 -9.18 9.47
CA ARG C 279 12.67 -9.13 8.17
C ARG C 279 13.23 -8.05 7.28
N ALA C 280 13.58 -6.94 7.91
CA ALA C 280 14.11 -5.77 7.22
C ALA C 280 15.57 -5.96 6.76
N LEU C 281 16.33 -6.81 7.44
CA LEU C 281 17.71 -7.04 7.01
C LEU C 281 17.73 -7.87 5.73
N ARG C 282 18.69 -7.55 4.86
CA ARG C 282 19.00 -8.37 3.67
C ARG C 282 19.84 -9.54 4.11
N PRO C 283 19.87 -10.60 3.30
CA PRO C 283 20.81 -11.65 3.63
C PRO C 283 22.22 -11.10 3.74
N GLY C 284 22.98 -11.63 4.70
CA GLY C 284 24.36 -11.20 4.95
C GLY C 284 24.47 -9.82 5.52
N GLY C 285 23.34 -9.28 6.01
CA GLY C 285 23.31 -8.01 6.69
C GLY C 285 23.51 -8.16 8.19
N VAL C 286 23.54 -7.02 8.87
CA VAL C 286 23.94 -6.99 10.24
C VAL C 286 23.15 -5.97 11.06
N LEU C 287 22.83 -6.34 12.30
CA LEU C 287 22.24 -5.46 13.29
C LEU C 287 23.25 -5.19 14.34
N LEU C 288 23.51 -3.92 14.62
CA LEU C 288 24.23 -3.52 15.82
C LEU C 288 23.19 -2.92 16.77
N MET C 289 23.11 -3.48 17.98
CA MET C 289 22.17 -3.01 19.01
C MET C 289 22.97 -2.68 20.25
N VAL C 290 22.88 -1.44 20.70
CA VAL C 290 23.53 -1.05 21.91
C VAL C 290 22.47 -0.87 22.96
N ASP C 291 22.69 -1.57 24.10
CA ASP C 291 21.76 -1.53 25.18
C ASP C 291 22.49 -1.56 26.47
N ILE C 292 21.80 -1.48 27.55
CA ILE C 292 22.35 -1.43 28.87
C ILE C 292 23.06 -2.70 29.29
N LYS C 293 24.20 -2.52 29.93
CA LYS C 293 25.07 -3.57 30.41
C LYS C 293 24.65 -3.93 31.82
N ALA C 294 24.15 -5.15 31.97
CA ALA C 294 23.74 -5.69 33.24
C ALA C 294 23.47 -7.16 33.05
N SER C 295 23.14 -7.84 34.12
CA SER C 295 22.77 -9.24 34.06
C SER C 295 21.26 -9.36 34.16
N SER C 296 20.72 -10.39 33.52
CA SER C 296 19.34 -10.78 33.74
C SER C 296 19.19 -11.49 35.08
N GLN C 297 20.28 -11.87 35.76
CA GLN C 297 20.21 -12.45 37.11
C GLN C 297 20.60 -11.36 38.09
N LEU C 298 19.70 -11.07 39.04
CA LEU C 298 19.86 -9.95 39.97
C LEU C 298 21.15 -10.05 40.78
N GLU C 299 21.35 -11.23 41.38
CA GLU C 299 22.57 -11.54 42.15
C GLU C 299 23.86 -10.97 41.53
N ASP C 300 23.92 -11.00 40.21
CA ASP C 300 25.08 -10.55 39.48
C ASP C 300 25.22 -9.05 39.48
N ASN C 301 24.11 -8.34 39.65
CA ASN C 301 24.14 -6.87 39.60
C ASN C 301 24.40 -6.26 40.95
N VAL C 302 24.28 -7.08 42.00
CA VAL C 302 24.69 -6.69 43.35
C VAL C 302 26.18 -6.38 43.44
N GLY C 303 26.46 -5.21 44.01
CA GLY C 303 27.82 -4.74 44.15
C GLY C 303 28.46 -4.22 42.88
N VAL C 304 27.66 -3.95 41.85
CA VAL C 304 28.17 -3.33 40.63
C VAL C 304 27.75 -1.88 40.67
N PRO C 305 28.69 -0.95 40.42
CA PRO C 305 28.26 0.42 40.47
C PRO C 305 27.14 0.71 39.45
N LEU C 306 26.22 1.57 39.88
CA LEU C 306 25.04 1.97 39.14
C LEU C 306 23.87 0.99 39.09
N SER C 307 23.99 -0.20 39.63
CA SER C 307 22.89 -1.15 39.54
C SER C 307 21.61 -0.59 40.20
N THR C 308 21.73 -0.04 41.40
CA THR C 308 20.60 0.62 42.06
C THR C 308 20.02 1.78 41.23
N TYR C 309 20.87 2.69 40.78
CA TYR C 309 20.46 3.76 39.87
C TYR C 309 19.64 3.26 38.68
N LEU C 310 20.08 2.16 38.09
CA LEU C 310 19.39 1.57 36.93
C LEU C 310 18.03 0.96 37.25
N TYR C 311 17.98 0.14 38.31
CA TYR C 311 16.71 -0.42 38.76
C TYR C 311 15.74 0.72 39.07
N THR C 312 16.26 1.79 39.64
CA THR C 312 15.43 2.96 39.92
C THR C 312 14.93 3.57 38.61
N THR C 313 15.86 3.92 37.75
CA THR C 313 15.54 4.47 36.44
C THR C 313 14.57 3.55 35.64
N SER C 314 14.66 2.24 35.82
CA SER C 314 13.70 1.28 35.22
C SER C 314 12.30 1.43 35.83
N LEU C 315 12.21 1.16 37.12
CA LEU C 315 10.98 1.32 37.88
C LEU C 315 10.23 2.61 37.58
N MET C 316 10.95 3.70 37.51
CA MET C 316 10.37 4.98 37.32
C MET C 316 10.28 5.49 35.92
N HIS C 317 10.70 4.73 34.95
CA HIS C 317 10.60 5.23 33.62
C HIS C 317 10.60 4.19 32.58
N MET C 319 10.85 1.02 32.60
CA MET C 319 9.89 -0.03 32.79
C MET C 319 8.44 0.41 32.71
N THR C 320 8.11 1.48 33.41
CA THR C 320 6.78 2.04 33.51
C THR C 320 6.14 2.50 32.24
N VAL C 321 6.93 3.07 31.37
CA VAL C 321 6.46 3.55 30.10
C VAL C 321 5.94 2.45 29.22
N SER C 322 6.61 1.33 29.25
CA SER C 322 6.23 0.17 28.48
C SER C 322 4.92 -0.36 28.94
N LEU C 323 4.73 -0.35 30.23
CA LEU C 323 3.54 -0.84 30.86
C LEU C 323 2.32 -0.02 30.55
N ALA C 324 2.54 1.23 30.30
CA ALA C 324 1.52 2.19 29.98
C ALA C 324 0.81 1.79 28.72
N LEU C 325 1.50 1.10 27.85
CA LEU C 325 0.96 0.67 26.62
C LEU C 325 0.65 -0.76 26.65
N ASP C 326 0.59 -1.35 27.82
CA ASP C 326 0.33 -2.75 27.94
C ASP C 326 1.44 -3.52 27.30
N GLY C 327 2.64 -3.08 27.62
CA GLY C 327 3.86 -3.64 27.11
C GLY C 327 4.55 -4.63 27.96
N ALA C 328 5.63 -5.19 27.45
CA ALA C 328 6.39 -6.21 28.12
C ALA C 328 7.02 -5.73 29.37
N GLY C 329 7.34 -4.47 29.43
CA GLY C 329 7.92 -3.91 30.63
C GLY C 329 9.19 -4.57 31.03
N LEU C 330 10.05 -4.83 30.09
CA LEU C 330 11.30 -5.49 30.36
C LEU C 330 12.18 -4.67 31.25
N GLY C 331 12.16 -3.37 31.06
CA GLY C 331 12.94 -2.49 31.87
C GLY C 331 14.31 -2.29 31.38
N THR C 332 15.06 -1.43 32.05
CA THR C 332 16.43 -1.14 31.75
C THR C 332 17.33 -2.30 32.00
N VAL C 333 17.06 -3.00 33.07
CA VAL C 333 17.91 -4.10 33.46
C VAL C 333 17.50 -5.44 32.91
N TRP C 334 17.13 -5.45 31.65
CA TRP C 334 16.72 -6.66 31.01
C TRP C 334 17.82 -7.66 30.99
N GLY C 335 19.02 -7.19 30.75
CA GLY C 335 20.23 -8.00 30.84
C GLY C 335 20.69 -8.74 29.59
N ARG C 336 21.99 -9.02 29.56
CA ARG C 336 22.63 -9.72 28.44
C ARG C 336 21.93 -11.03 28.02
N GLN C 337 21.67 -11.90 28.99
CA GLN C 337 21.18 -13.25 28.70
C GLN C 337 19.85 -13.23 27.93
N LEU C 338 18.90 -12.45 28.41
CA LEU C 338 17.59 -12.32 27.80
C LEU C 338 17.68 -11.67 26.42
N ALA C 339 18.43 -10.56 26.35
CA ALA C 339 18.70 -9.86 25.10
C ALA C 339 19.28 -10.82 24.07
N THR C 340 20.20 -11.66 24.53
CA THR C 340 20.74 -12.70 23.68
C THR C 340 19.65 -13.69 23.23
N SER C 341 18.85 -14.22 24.14
CA SER C 341 17.85 -15.23 23.72
C SER C 341 16.74 -14.68 22.85
N MET C 342 16.38 -13.41 23.03
CA MET C 342 15.39 -12.74 22.16
C MET C 342 15.91 -12.47 20.75
N LEU C 343 17.19 -12.18 20.61
CA LEU C 343 17.80 -12.13 19.29
C LEU C 343 17.69 -13.47 18.57
N ALA C 344 17.96 -14.56 19.28
CA ALA C 344 17.76 -15.91 18.75
C ALA C 344 16.29 -16.18 18.38
N ASP C 345 15.37 -15.70 19.23
CA ASP C 345 13.93 -15.85 18.97
C ASP C 345 13.47 -15.14 17.73
N ALA C 346 14.13 -14.03 17.41
CA ALA C 346 13.80 -13.23 16.24
C ALA C 346 14.49 -13.71 14.96
N GLY C 347 15.19 -14.85 15.00
CA GLY C 347 15.78 -15.47 13.79
C GLY C 347 17.29 -15.42 13.63
N PHE C 348 17.96 -14.54 14.38
CA PHE C 348 19.43 -14.41 14.37
C PHE C 348 20.15 -15.60 15.01
N THR C 349 20.71 -16.49 14.19
CA THR C 349 21.52 -17.64 14.68
C THR C 349 23.00 -17.30 14.88
N ASP C 350 23.39 -16.04 14.64
CA ASP C 350 24.77 -15.61 14.78
C ASP C 350 24.82 -14.25 15.48
N VAL C 351 25.14 -14.30 16.77
CA VAL C 351 25.10 -13.14 17.64
C VAL C 351 26.35 -13.13 18.49
N THR C 352 27.01 -11.98 18.61
CA THR C 352 28.07 -11.84 19.61
C THR C 352 27.83 -10.55 20.38
N VAL C 353 28.71 -10.27 21.35
CA VAL C 353 28.54 -9.15 22.28
C VAL C 353 29.84 -8.43 22.53
N ALA C 354 29.94 -7.18 22.10
CA ALA C 354 31.19 -6.44 22.28
C ALA C 354 31.19 -5.54 23.51
N GLU C 355 32.38 -5.20 23.83
CA GLU C 355 32.50 -4.32 24.94
C GLU C 355 33.56 -3.27 24.72
N ILE C 356 33.45 -2.17 25.43
CA ILE C 356 34.41 -1.11 25.37
C ILE C 356 34.73 -0.59 26.75
N GLU C 357 35.96 -0.17 27.00
CA GLU C 357 36.34 0.40 28.29
C GLU C 357 35.83 1.83 28.37
N SER C 358 35.71 2.44 27.19
CA SER C 358 35.21 3.79 27.08
C SER C 358 33.77 3.78 27.46
N ASP C 359 33.18 2.60 27.53
CA ASP C 359 31.81 2.52 28.01
C ASP C 359 31.54 1.44 29.01
N VAL C 360 31.09 1.83 30.18
CA VAL C 360 30.66 0.87 31.21
C VAL C 360 29.16 0.56 31.23
N LEU C 361 28.34 1.47 30.67
CA LEU C 361 26.87 1.32 30.63
C LEU C 361 26.30 0.42 29.54
N ASN C 362 27.08 0.10 28.52
CA ASN C 362 26.52 -0.56 27.37
C ASN C 362 27.25 -1.83 26.90
N ASN C 363 26.43 -2.81 26.54
CA ASN C 363 26.81 -3.90 25.67
C ASN C 363 26.54 -3.49 24.24
N TYR C 364 27.33 -4.06 23.33
CA TYR C 364 27.23 -3.84 21.89
C TYR C 364 26.92 -5.19 21.27
N TYR C 365 25.65 -5.43 20.98
CA TYR C 365 25.18 -6.74 20.53
C TYR C 365 25.22 -6.78 19.00
N ILE C 366 25.99 -7.71 18.43
CA ILE C 366 26.20 -7.82 16.98
C ILE C 366 25.47 -9.03 16.42
N ALA C 367 24.45 -8.78 15.61
CA ALA C 367 23.62 -9.86 15.07
C ALA C 367 23.73 -9.88 13.54
N ARG C 368 24.19 -11.02 13.00
CA ARG C 368 24.39 -11.20 11.57
C ARG C 368 23.28 -12.06 11.02
N LYS C 369 22.77 -11.68 9.85
CA LYS C 369 21.77 -12.43 9.14
C LYS C 369 22.50 -13.32 8.16
N LEU C 370 21.91 -14.44 7.86
CA LEU C 370 22.51 -15.40 6.99
C LEU C 370 22.54 -14.91 5.58
N GLU C 371 23.37 -15.50 4.75
CA GLU C 371 23.50 -15.06 3.38
C GLU C 371 22.64 -15.79 2.42
N HIS C 372 21.95 -16.78 2.90
CA HIS C 372 21.10 -17.60 2.07
C HIS C 372 19.87 -16.86 1.65
N HIS C 373 19.15 -17.38 0.68
CA HIS C 373 17.96 -16.72 0.17
C HIS C 373 16.59 -17.06 0.71
N HIS C 374 15.79 -16.01 0.86
CA HIS C 374 14.39 -16.01 1.36
C HIS C 374 14.05 -17.13 2.35
#